data_7XVK
#
_entry.id   7XVK
#
_cell.length_a   76.211
_cell.length_b   111.552
_cell.length_c   161.756
_cell.angle_alpha   90.000
_cell.angle_beta   90.000
_cell.angle_gamma   90.000
#
_symmetry.space_group_name_H-M   'P 21 21 21'
#
loop_
_entity.id
_entity.type
_entity.pdbx_description
1 polymer 'Serine/threonine-protein phosphatase 2A 65 kDa regulatory subunit A beta isoform'
2 polymer 'RxLR effector protein PSR2'
3 non-polymer 1,2-ETHANEDIOL
4 water water
#
loop_
_entity_poly.entity_id
_entity_poly.type
_entity_poly.pdbx_seq_one_letter_code
_entity_poly.pdbx_strand_id
1 'polypeptide(L)'
;MSMIDEPLYPIAVLIDELKNDDIQLRLNSIRRLSTIARALGEERTRKELIPFLSENNDDDDEVLLAMAEELGVFIPYVGG
VEYAHVLLPPLETLSTVEETCVREKAVESLCRVGSQMRESDLVDHFISLVKRLAAGEWFTARVSACGVFHIAYPSAPDML
KTELRSLYTQLCQDDMPMVRRAAATNLGKFAATVESAHLKTDVMSMFEDLTQDDQDSVRLLAVEGCAALGKLLEPQDCVQ
HILPVIVNFSQDKSWRVRYMVANQLYELCEAVGPEPTRTELVPAYVRLLRDNEAEVRIAAAGKVTKFCRILNPEIAIQHI
LPCVKELSSDSSQHVRSALASVIMGMAPVLGKDATIEHLLPIFLSLLKDEFPDVRLNIISKLDQVNQVIG
;
A
2 'polypeptide(L)'
;SSVPGFEKLANLLKPKPGLKKLLKWADAKKPPETVFTRLRLDKTGTQLFDNTDFPVWAAYTRSVAQTDSEASAVMLKTLV
SRYSDEVLSGMIAAAKKSSKTESIATKLETEQMRTWLAAKKTPDDMFLVFKLNKAGDDILSSPLLSAWTNYMKLSNKENP
KAQTTLIATMTKHYGDSGVSQILAAARKSPATQSTAKRLEAEQVQLWLKKGRTPDDTFTLLSLDRAGDDLLASPQFNTWM
KYINYYNKENPDEKTTVLAKLMTHFDDEELTPILVVARKVPSTESTAAKLQAEQFKNWLSADKSPEEAFTLLQLDKAGDD
LLTNPQLTNWLKYTENFNLNKEINEQVTAIQVFRAQYVDDSRIANMVIAAEKVPNTQAIAKRVEDELFKGWTVVLNKPDD
VFINLKLETVGENVFESPLWSFYTKFLEKYNTANPGKEQTMISGLARGYNDVTLTNMLLKAKEAPSTKTLATKLEDELVQ
YWLADKKLPDKLFGYLELKESVDGILTNPVFNVWLKYLNAFNDKAPVKKALMIDTLKSAFGDVAVSNMLFAAKKDPGTAK
VAATLQTALLSKWVLEKKTPGQVSAILKEGAGADVSAKLLATYSAKFKVRWG
;
B
#
# COMPACT_ATOMS: atom_id res chain seq x y z
N MET A 3 22.10 -44.58 24.59
CA MET A 3 20.71 -44.55 25.03
C MET A 3 20.10 -43.14 25.00
N ILE A 4 20.91 -42.13 25.35
CA ILE A 4 20.43 -40.75 25.41
C ILE A 4 21.01 -39.87 24.31
N ASP A 5 22.28 -40.06 23.95
N ASP A 5 22.28 -40.06 23.94
CA ASP A 5 22.96 -39.13 23.05
CA ASP A 5 22.94 -39.11 23.05
C ASP A 5 22.34 -39.17 21.65
C ASP A 5 22.34 -39.16 21.64
N GLU A 6 22.21 -40.36 21.07
CA GLU A 6 21.63 -40.49 19.73
C GLU A 6 20.21 -39.92 19.67
N PRO A 7 19.30 -40.27 20.59
CA PRO A 7 17.93 -39.74 20.48
C PRO A 7 17.86 -38.23 20.57
N LEU A 8 18.73 -37.59 21.35
CA LEU A 8 18.66 -36.15 21.57
C LEU A 8 19.55 -35.35 20.63
N TYR A 9 20.36 -35.99 19.79
CA TYR A 9 21.06 -35.23 18.76
C TYR A 9 20.14 -34.30 17.96
N PRO A 10 18.95 -34.73 17.54
CA PRO A 10 18.05 -33.80 16.83
C PRO A 10 17.69 -32.57 17.66
N ILE A 11 17.55 -32.71 18.97
CA ILE A 11 17.28 -31.56 19.83
C ILE A 11 18.45 -30.58 19.77
N ALA A 12 19.67 -31.11 19.77
CA ALA A 12 20.84 -30.25 19.61
C ALA A 12 20.80 -29.52 18.28
N VAL A 13 20.37 -30.21 17.22
CA VAL A 13 20.24 -29.55 15.92
C VAL A 13 19.23 -28.40 16.00
N LEU A 14 18.10 -28.64 16.67
CA LEU A 14 17.11 -27.57 16.80
C LEU A 14 17.67 -26.38 17.57
N ILE A 15 18.40 -26.64 18.65
CA ILE A 15 19.01 -25.56 19.42
C ILE A 15 19.97 -24.77 18.53
N ASP A 16 20.76 -25.47 17.72
CA ASP A 16 21.68 -24.78 16.81
C ASP A 16 20.90 -23.92 15.81
N GLU A 17 19.80 -24.46 15.27
CA GLU A 17 19.01 -23.72 14.29
C GLU A 17 18.25 -22.56 14.92
N LEU A 18 18.21 -22.47 16.24
CA LEU A 18 17.60 -21.30 16.88
C LEU A 18 18.19 -20.00 16.33
N LYS A 19 19.48 -19.99 16.01
CA LYS A 19 20.13 -18.82 15.44
C LYS A 19 20.67 -19.10 14.04
N ASN A 20 19.90 -19.84 13.25
CA ASN A 20 20.22 -20.07 11.85
C ASN A 20 19.90 -18.83 11.03
N ASP A 21 20.59 -18.70 9.89
CA ASP A 21 20.32 -17.57 9.00
C ASP A 21 18.90 -17.62 8.46
N ASP A 22 18.41 -18.81 8.13
CA ASP A 22 17.07 -18.96 7.60
C ASP A 22 16.02 -18.78 8.69
N ILE A 23 15.05 -17.90 8.44
CA ILE A 23 14.03 -17.59 9.44
C ILE A 23 13.10 -18.78 9.67
N GLN A 24 12.87 -19.59 8.64
CA GLN A 24 11.95 -20.72 8.79
C GLN A 24 12.44 -21.69 9.85
N LEU A 25 13.75 -22.00 9.84
CA LEU A 25 14.31 -22.89 10.84
C LEU A 25 14.26 -22.29 12.24
N ARG A 26 14.51 -20.98 12.35
CA ARG A 26 14.37 -20.32 13.63
C ARG A 26 12.94 -20.44 14.16
N LEU A 27 11.96 -20.21 13.28
CA LEU A 27 10.56 -20.35 13.68
C LEU A 27 10.24 -21.78 14.09
N ASN A 28 10.76 -22.77 13.35
CA ASN A 28 10.53 -24.16 13.68
C ASN A 28 11.10 -24.50 15.06
N SER A 29 12.32 -24.04 15.33
CA SER A 29 12.92 -24.29 16.65
C SER A 29 12.12 -23.61 17.75
N ILE A 30 11.63 -22.40 17.50
CA ILE A 30 10.76 -21.74 18.48
C ILE A 30 9.51 -22.57 18.72
N ARG A 31 8.92 -23.11 17.65
CA ARG A 31 7.72 -23.92 17.79
C ARG A 31 7.98 -25.18 18.60
N ARG A 32 9.21 -25.70 18.56
N ARG A 32 9.21 -25.68 18.57
CA ARG A 32 9.59 -26.88 19.32
CA ARG A 32 9.60 -26.88 19.31
C ARG A 32 10.32 -26.54 20.61
C ARG A 32 10.29 -26.55 20.63
N LEU A 33 10.01 -25.38 21.19
CA LEU A 33 10.67 -24.98 22.43
C LEU A 33 10.35 -25.94 23.57
N SER A 34 9.12 -26.45 23.63
CA SER A 34 8.75 -27.38 24.68
C SER A 34 9.57 -28.67 24.58
N THR A 35 9.77 -29.19 23.37
CA THR A 35 10.60 -30.38 23.19
C THR A 35 12.04 -30.11 23.64
N ILE A 36 12.58 -28.95 23.25
CA ILE A 36 13.94 -28.60 23.66
C ILE A 36 14.02 -28.52 25.18
N ALA A 37 13.03 -27.90 25.82
CA ALA A 37 13.04 -27.77 27.26
C ALA A 37 12.97 -29.12 27.94
N ARG A 38 12.12 -30.02 27.45
CA ARG A 38 12.05 -31.35 28.03
C ARG A 38 13.37 -32.08 27.89
N ALA A 39 14.03 -31.94 26.73
CA ALA A 39 15.34 -32.55 26.56
C ALA A 39 16.36 -31.94 27.52
N LEU A 40 16.26 -30.62 27.77
CA LEU A 40 17.20 -29.96 28.67
C LEU A 40 16.97 -30.34 30.12
N GLY A 41 15.72 -30.47 30.53
CA GLY A 41 15.37 -30.55 31.93
C GLY A 41 14.90 -29.20 32.46
N GLU A 42 14.13 -29.26 33.55
CA GLU A 42 13.47 -28.06 34.06
C GLU A 42 14.48 -27.03 34.55
N GLU A 43 15.38 -27.44 35.44
CA GLU A 43 16.33 -26.51 36.05
C GLU A 43 17.09 -25.74 34.97
N ARG A 44 17.46 -26.42 33.90
CA ARG A 44 18.32 -25.83 32.91
C ARG A 44 17.56 -25.22 31.73
N THR A 45 16.30 -25.61 31.53
CA THR A 45 15.41 -24.74 30.78
C THR A 45 15.30 -23.40 31.46
N ARG A 46 15.22 -23.41 32.80
CA ARG A 46 15.17 -22.16 33.55
C ARG A 46 16.46 -21.36 33.38
N LYS A 47 17.60 -22.05 33.36
CA LYS A 47 18.87 -21.35 33.52
C LYS A 47 19.63 -21.12 32.20
N GLU A 48 19.48 -21.99 31.19
CA GLU A 48 20.10 -21.75 29.89
C GLU A 48 19.12 -21.18 28.88
N LEU A 49 17.94 -21.79 28.76
CA LEU A 49 17.03 -21.55 27.63
C LEU A 49 16.29 -20.22 27.77
N ILE A 50 15.61 -20.02 28.90
CA ILE A 50 14.88 -18.76 29.14
C ILE A 50 15.83 -17.61 29.05
N PRO A 51 17.01 -17.56 29.68
CA PRO A 51 17.94 -16.47 29.49
C PRO A 51 18.36 -16.28 28.04
N PHE A 52 18.52 -17.37 27.28
CA PHE A 52 18.84 -17.21 25.87
C PHE A 52 17.72 -16.49 25.13
N LEU A 53 16.48 -16.86 25.39
CA LEU A 53 15.35 -16.18 24.76
C LEU A 53 15.29 -14.72 25.19
N SER A 54 15.61 -14.44 26.45
CA SER A 54 15.59 -13.06 26.94
C SER A 54 16.66 -12.23 26.27
N GLU A 55 17.86 -12.76 26.15
CA GLU A 55 18.99 -11.99 25.70
C GLU A 55 19.17 -11.98 24.19
N ASN A 56 18.57 -12.90 23.45
CA ASN A 56 18.77 -12.87 22.02
C ASN A 56 17.38 -12.53 21.56
N ASN A 57 17.07 -11.25 21.36
N ASN A 57 17.04 -11.26 21.39
CA ASN A 57 15.70 -10.91 20.99
CA ASN A 57 15.68 -11.06 20.87
C ASN A 57 15.60 -9.99 19.78
C ASN A 57 15.65 -9.95 19.83
N ASP A 58 16.60 -9.99 18.90
CA ASP A 58 16.71 -9.03 17.81
C ASP A 58 16.23 -9.60 16.47
N ASP A 59 15.24 -10.48 16.49
CA ASP A 59 14.81 -11.18 15.28
C ASP A 59 13.67 -10.40 14.60
N ASP A 60 13.07 -11.01 13.57
CA ASP A 60 11.94 -10.42 12.89
C ASP A 60 10.67 -10.57 13.73
N ASP A 61 9.66 -9.77 13.39
CA ASP A 61 8.44 -9.72 14.19
C ASP A 61 7.75 -11.08 14.26
N GLU A 62 7.85 -11.89 13.20
CA GLU A 62 7.23 -13.21 13.23
C GLU A 62 7.85 -14.08 14.32
N VAL A 63 9.18 -14.06 14.42
CA VAL A 63 9.86 -14.86 15.45
C VAL A 63 9.49 -14.37 16.84
N LEU A 64 9.47 -13.04 17.04
CA LEU A 64 9.11 -12.51 18.35
C LEU A 64 7.68 -12.86 18.73
N LEU A 65 6.75 -12.78 17.76
CA LEU A 65 5.36 -13.16 18.03
C LEU A 65 5.27 -14.63 18.41
N ALA A 66 6.00 -15.50 17.69
CA ALA A 66 6.01 -16.91 18.04
C ALA A 66 6.56 -17.12 19.45
N MET A 67 7.61 -16.37 19.81
CA MET A 67 8.17 -16.45 21.15
C MET A 67 7.13 -16.08 22.20
N ALA A 68 6.41 -14.99 21.98
CA ALA A 68 5.38 -14.58 22.92
C ALA A 68 4.32 -15.67 23.08
N GLU A 69 3.87 -16.21 21.95
CA GLU A 69 2.87 -17.28 22.00
C GLU A 69 3.37 -18.47 22.81
N GLU A 70 4.58 -18.94 22.51
CA GLU A 70 5.12 -20.11 23.20
C GLU A 70 5.33 -19.85 24.69
N LEU A 71 5.86 -18.68 25.03
CA LEU A 71 6.11 -18.37 26.43
C LEU A 71 4.81 -18.24 27.22
N GLY A 72 3.71 -17.90 26.54
CA GLY A 72 2.44 -17.83 27.24
C GLY A 72 1.95 -19.15 27.81
N VAL A 73 2.45 -20.27 27.30
CA VAL A 73 1.97 -21.59 27.72
C VAL A 73 3.13 -22.46 28.17
N PHE A 74 4.18 -21.85 28.69
CA PHE A 74 5.44 -22.55 28.94
C PHE A 74 5.65 -22.91 30.40
N ILE A 75 4.63 -22.78 31.24
CA ILE A 75 4.81 -23.02 32.68
C ILE A 75 5.30 -24.45 32.97
N PRO A 76 4.63 -25.49 32.48
CA PRO A 76 5.06 -26.85 32.88
C PRO A 76 6.51 -27.14 32.55
N TYR A 77 7.04 -26.53 31.49
CA TYR A 77 8.39 -26.82 31.05
C TYR A 77 9.46 -26.11 31.87
N VAL A 78 9.08 -25.21 32.78
CA VAL A 78 10.05 -24.58 33.68
C VAL A 78 9.93 -25.10 35.10
N GLY A 79 9.08 -26.10 35.34
CA GLY A 79 8.90 -26.65 36.67
C GLY A 79 7.54 -26.37 37.29
N GLY A 80 6.63 -25.72 36.59
CA GLY A 80 5.29 -25.48 37.09
C GLY A 80 5.09 -24.07 37.62
N VAL A 81 3.98 -23.92 38.37
CA VAL A 81 3.58 -22.62 38.90
C VAL A 81 4.70 -21.99 39.73
N GLU A 82 5.35 -22.78 40.58
CA GLU A 82 6.35 -22.20 41.47
C GLU A 82 7.40 -21.42 40.70
N TYR A 83 7.68 -21.80 39.45
CA TYR A 83 8.71 -21.15 38.65
C TYR A 83 8.11 -20.32 37.51
N ALA A 84 6.79 -20.17 37.46
CA ALA A 84 6.17 -19.41 36.38
C ALA A 84 6.76 -18.01 36.26
N HIS A 85 7.19 -17.44 37.38
CA HIS A 85 7.71 -16.07 37.36
C HIS A 85 8.92 -15.93 36.45
N VAL A 86 9.69 -17.00 36.25
CA VAL A 86 10.86 -16.88 35.39
C VAL A 86 10.49 -16.62 33.93
N LEU A 87 9.22 -16.78 33.57
CA LEU A 87 8.78 -16.42 32.23
C LEU A 87 8.51 -14.93 32.08
N LEU A 88 8.40 -14.21 33.20
CA LEU A 88 8.02 -12.79 33.14
C LEU A 88 9.04 -11.92 32.42
N PRO A 89 10.34 -12.01 32.71
CA PRO A 89 11.31 -11.09 32.12
C PRO A 89 11.22 -11.07 30.60
N PRO A 90 11.38 -12.23 29.94
CA PRO A 90 11.34 -12.21 28.47
C PRO A 90 10.07 -11.57 27.93
N LEU A 91 8.91 -12.00 28.43
CA LEU A 91 7.67 -11.40 27.98
C LEU A 91 7.67 -9.90 28.21
N GLU A 92 8.19 -9.45 29.36
CA GLU A 92 8.28 -8.03 29.61
C GLU A 92 9.02 -7.34 28.47
N THR A 93 10.18 -7.87 28.09
CA THR A 93 10.91 -7.29 26.97
C THR A 93 10.04 -7.30 25.71
N LEU A 94 9.37 -8.42 25.45
CA LEU A 94 8.51 -8.52 24.27
C LEU A 94 7.37 -7.50 24.36
N SER A 95 6.95 -7.15 25.57
CA SER A 95 5.87 -6.18 25.71
C SER A 95 6.31 -4.76 25.38
N THR A 96 7.61 -4.52 25.25
CA THR A 96 8.10 -3.19 24.87
C THR A 96 8.34 -3.06 23.37
N VAL A 97 8.08 -4.11 22.59
CA VAL A 97 8.25 -4.05 21.14
C VAL A 97 7.17 -3.17 20.54
N GLU A 98 7.55 -2.32 19.58
CA GLU A 98 6.60 -1.38 19.00
C GLU A 98 5.52 -2.09 18.20
N GLU A 99 5.90 -3.11 17.42
CA GLU A 99 4.93 -3.76 16.54
C GLU A 99 3.75 -4.28 17.34
N THR A 100 2.54 -3.94 16.89
CA THR A 100 1.34 -4.11 17.70
C THR A 100 1.12 -5.58 18.08
N CYS A 101 1.14 -6.47 17.08
CA CYS A 101 0.80 -7.87 17.35
C CYS A 101 1.75 -8.48 18.37
N VAL A 102 3.04 -8.19 18.26
CA VAL A 102 4.04 -8.77 19.15
C VAL A 102 3.74 -8.37 20.60
N ARG A 103 3.71 -7.06 20.86
CA ARG A 103 3.55 -6.61 22.24
C ARG A 103 2.18 -6.95 22.80
N GLU A 104 1.14 -6.94 21.96
CA GLU A 104 -0.18 -7.34 22.43
C GLU A 104 -0.21 -8.81 22.82
N LYS A 105 0.43 -9.68 22.01
CA LYS A 105 0.56 -11.07 22.39
C LYS A 105 1.37 -11.23 23.66
N ALA A 106 2.41 -10.42 23.84
CA ALA A 106 3.20 -10.47 25.06
C ALA A 106 2.35 -10.10 26.28
N VAL A 107 1.48 -9.09 26.12
CA VAL A 107 0.58 -8.72 27.20
C VAL A 107 -0.40 -9.84 27.51
N GLU A 108 -0.94 -10.48 26.47
CA GLU A 108 -1.85 -11.60 26.68
C GLU A 108 -1.15 -12.75 27.41
N SER A 109 0.09 -13.06 27.01
CA SER A 109 0.84 -14.12 27.68
C SER A 109 1.17 -13.76 29.12
N LEU A 110 1.52 -12.50 29.36
CA LEU A 110 1.75 -12.05 30.73
C LEU A 110 0.49 -12.24 31.57
N CYS A 111 -0.67 -11.91 31.01
CA CYS A 111 -1.92 -12.12 31.73
C CYS A 111 -2.17 -13.60 32.00
N ARG A 112 -1.92 -14.47 31.01
CA ARG A 112 -2.09 -15.90 31.24
C ARG A 112 -1.22 -16.38 32.39
N VAL A 113 0.08 -16.07 32.33
CA VAL A 113 1.00 -16.56 33.35
C VAL A 113 0.63 -16.00 34.72
N GLY A 114 0.32 -14.70 34.79
CA GLY A 114 -0.07 -14.13 36.06
C GLY A 114 -1.33 -14.75 36.63
N SER A 115 -2.34 -14.95 35.78
CA SER A 115 -3.57 -15.57 36.23
C SER A 115 -3.34 -16.98 36.73
N GLN A 116 -2.34 -17.67 36.18
CA GLN A 116 -1.97 -18.97 36.72
C GLN A 116 -1.03 -18.87 37.91
N MET A 117 -0.30 -17.77 38.04
CA MET A 117 0.57 -17.60 39.19
C MET A 117 -0.25 -17.47 40.47
N ARG A 118 0.40 -17.75 41.59
CA ARG A 118 -0.22 -17.75 42.90
C ARG A 118 0.20 -16.50 43.66
N GLU A 119 -0.59 -16.17 44.70
CA GLU A 119 -0.62 -14.79 45.19
C GLU A 119 0.75 -14.33 45.69
N SER A 120 1.47 -15.19 46.41
CA SER A 120 2.79 -14.78 46.91
C SER A 120 3.73 -14.45 45.76
N ASP A 121 3.72 -15.28 44.71
CA ASP A 121 4.57 -15.01 43.55
C ASP A 121 4.11 -13.76 42.81
N LEU A 122 2.80 -13.54 42.72
CA LEU A 122 2.30 -12.29 42.15
C LEU A 122 2.90 -11.10 42.89
N VAL A 123 2.77 -11.09 44.21
CA VAL A 123 3.31 -9.99 45.01
C VAL A 123 4.81 -9.85 44.79
N ASP A 124 5.53 -10.97 44.72
CA ASP A 124 6.99 -10.91 44.67
C ASP A 124 7.53 -10.51 43.31
N HIS A 125 6.81 -10.77 42.22
CA HIS A 125 7.40 -10.47 40.91
C HIS A 125 6.51 -9.63 39.99
N PHE A 126 5.21 -9.91 39.96
CA PHE A 126 4.36 -9.28 38.95
C PHE A 126 4.12 -7.81 39.26
N ILE A 127 4.02 -7.45 40.54
CA ILE A 127 3.82 -6.05 40.90
C ILE A 127 5.02 -5.23 40.44
N SER A 128 6.23 -5.74 40.67
CA SER A 128 7.43 -5.04 40.20
C SER A 128 7.46 -4.96 38.68
N LEU A 129 7.04 -6.02 38.00
CA LEU A 129 6.96 -5.96 36.54
C LEU A 129 6.03 -4.84 36.09
N VAL A 130 4.86 -4.76 36.70
CA VAL A 130 3.88 -3.73 36.33
C VAL A 130 4.45 -2.34 36.60
N LYS A 131 5.10 -2.17 37.75
CA LYS A 131 5.68 -0.86 38.08
C LYS A 131 6.75 -0.47 37.07
N ARG A 132 7.62 -1.42 36.69
CA ARG A 132 8.65 -1.12 35.71
C ARG A 132 8.04 -0.72 34.37
N LEU A 133 7.02 -1.46 33.92
CA LEU A 133 6.39 -1.11 32.66
C LEU A 133 5.73 0.26 32.73
N ALA A 134 5.04 0.55 33.84
CA ALA A 134 4.31 1.81 33.95
C ALA A 134 5.26 3.01 33.94
N ALA A 135 6.43 2.87 34.54
CA ALA A 135 7.43 3.93 34.59
C ALA A 135 8.43 3.87 33.44
N GLY A 136 8.22 2.98 32.47
CA GLY A 136 9.17 2.86 31.39
C GLY A 136 9.30 4.14 30.60
N GLU A 137 10.51 4.39 30.10
CA GLU A 137 10.76 5.60 29.33
C GLU A 137 10.31 5.49 27.87
N TRP A 138 9.94 4.30 27.41
CA TRP A 138 9.40 4.11 26.08
C TRP A 138 7.89 3.92 26.15
N PHE A 139 7.16 4.60 25.25
CA PHE A 139 5.70 4.64 25.34
C PHE A 139 5.11 3.24 25.20
N THR A 140 5.72 2.37 24.42
CA THR A 140 5.18 1.02 24.26
C THR A 140 5.14 0.28 25.59
N ALA A 141 6.14 0.49 26.44
CA ALA A 141 6.15 -0.14 27.75
C ALA A 141 4.96 0.31 28.60
N ARG A 142 4.65 1.61 28.59
CA ARG A 142 3.52 2.10 29.39
C ARG A 142 2.19 1.65 28.80
N VAL A 143 2.08 1.64 27.47
CA VAL A 143 0.88 1.10 26.82
C VAL A 143 0.66 -0.34 27.28
N SER A 144 1.71 -1.17 27.24
CA SER A 144 1.58 -2.55 27.70
C SER A 144 1.24 -2.61 29.19
N ALA A 145 1.86 -1.74 29.99
CA ALA A 145 1.60 -1.75 31.42
C ALA A 145 0.12 -1.57 31.71
N CYS A 146 -0.55 -0.74 30.91
CA CYS A 146 -1.97 -0.50 31.16
C CYS A 146 -2.78 -1.78 31.16
N GLY A 147 -2.31 -2.82 30.46
CA GLY A 147 -3.04 -4.06 30.32
C GLY A 147 -2.75 -5.16 31.31
N VAL A 148 -1.98 -4.90 32.37
CA VAL A 148 -1.63 -5.95 33.32
C VAL A 148 -1.91 -5.53 34.76
N PHE A 149 -2.57 -4.38 34.93
CA PHE A 149 -2.87 -3.91 36.29
C PHE A 149 -3.84 -4.84 37.00
N HIS A 150 -4.86 -5.31 36.29
CA HIS A 150 -5.87 -6.16 36.91
C HIS A 150 -5.30 -7.48 37.40
N ILE A 151 -4.18 -7.94 36.82
CA ILE A 151 -3.57 -9.18 37.28
C ILE A 151 -2.95 -8.98 38.66
N ALA A 152 -2.25 -7.87 38.86
CA ALA A 152 -1.49 -7.67 40.09
C ALA A 152 -2.30 -7.04 41.21
N TYR A 153 -3.32 -6.25 40.89
CA TYR A 153 -4.00 -5.48 41.93
C TYR A 153 -4.64 -6.35 43.01
N PRO A 154 -5.41 -7.39 42.69
CA PRO A 154 -6.19 -8.07 43.75
C PRO A 154 -5.36 -8.61 44.90
N SER A 155 -4.18 -9.16 44.63
CA SER A 155 -3.37 -9.79 45.67
C SER A 155 -2.35 -8.85 46.28
N ALA A 156 -2.27 -7.60 45.81
CA ALA A 156 -1.27 -6.68 46.32
C ALA A 156 -1.62 -6.24 47.74
N PRO A 157 -0.61 -5.95 48.56
CA PRO A 157 -0.88 -5.32 49.86
C PRO A 157 -1.45 -3.92 49.67
N ASP A 158 -1.99 -3.38 50.76
CA ASP A 158 -2.72 -2.11 50.68
C ASP A 158 -1.81 -0.98 50.19
N MET A 159 -0.58 -0.94 50.68
N MET A 159 -0.58 -0.93 50.69
CA MET A 159 0.35 0.08 50.20
CA MET A 159 0.36 0.07 50.20
C MET A 159 0.58 -0.07 48.70
C MET A 159 0.58 -0.07 48.70
N LEU A 160 0.76 -1.30 48.22
CA LEU A 160 0.99 -1.49 46.80
C LEU A 160 -0.27 -1.18 46.02
N LYS A 161 -1.45 -1.46 46.59
CA LYS A 161 -2.70 -1.13 45.91
C LYS A 161 -2.84 0.37 45.73
N THR A 162 -2.53 1.15 46.77
CA THR A 162 -2.55 2.60 46.65
C THR A 162 -1.54 3.07 45.62
N GLU A 163 -0.33 2.49 45.64
CA GLU A 163 0.67 2.88 44.65
C GLU A 163 0.18 2.57 43.24
N LEU A 164 -0.49 1.43 43.05
CA LEU A 164 -0.97 1.04 41.73
C LEU A 164 -2.09 1.96 41.26
N ARG A 165 -2.99 2.36 42.16
CA ARG A 165 -4.01 3.34 41.78
C ARG A 165 -3.37 4.64 41.34
N SER A 166 -2.36 5.10 42.08
CA SER A 166 -1.65 6.32 41.69
C SER A 166 -0.97 6.15 40.33
N LEU A 167 -0.36 4.99 40.09
CA LEU A 167 0.31 4.74 38.82
C LEU A 167 -0.66 4.76 37.66
N TYR A 168 -1.83 4.12 37.84
CA TYR A 168 -2.82 4.15 36.76
C TYR A 168 -3.34 5.56 36.53
N THR A 169 -3.53 6.34 37.60
CA THR A 169 -3.90 7.74 37.42
C THR A 169 -2.86 8.48 36.59
N GLN A 170 -1.58 8.25 36.90
CA GLN A 170 -0.52 8.87 36.12
C GLN A 170 -0.57 8.45 34.66
N LEU A 171 -0.80 7.16 34.41
CA LEU A 171 -0.88 6.68 33.03
C LEU A 171 -2.04 7.32 32.28
N CYS A 172 -3.18 7.50 32.95
CA CYS A 172 -4.28 8.25 32.35
C CYS A 172 -3.86 9.66 31.98
N GLN A 173 -2.89 10.21 32.70
CA GLN A 173 -2.41 11.57 32.51
C GLN A 173 -1.21 11.64 31.58
N ASP A 174 -0.81 10.50 31.00
CA ASP A 174 0.44 10.40 30.28
C ASP A 174 0.54 11.45 29.17
N ASP A 175 1.78 11.87 28.89
CA ASP A 175 2.03 12.85 27.85
C ASP A 175 1.86 12.29 26.45
N MET A 176 2.00 10.97 26.28
CA MET A 176 1.82 10.35 24.97
C MET A 176 0.37 9.88 24.81
N PRO A 177 -0.34 10.31 23.77
CA PRO A 177 -1.76 9.94 23.64
C PRO A 177 -2.01 8.44 23.60
N MET A 178 -1.10 7.64 23.01
CA MET A 178 -1.38 6.21 22.91
C MET A 178 -1.44 5.55 24.28
N VAL A 179 -0.58 6.01 25.21
CA VAL A 179 -0.65 5.49 26.57
C VAL A 179 -2.00 5.83 27.20
N ARG A 180 -2.49 7.05 26.98
CA ARG A 180 -3.80 7.42 27.52
C ARG A 180 -4.91 6.60 26.89
N ARG A 181 -4.79 6.29 25.60
CA ARG A 181 -5.78 5.43 24.94
C ARG A 181 -5.77 4.04 25.55
N ALA A 182 -4.60 3.48 25.81
CA ALA A 182 -4.53 2.18 26.46
C ALA A 182 -5.12 2.23 27.86
N ALA A 183 -4.84 3.31 28.60
CA ALA A 183 -5.42 3.45 29.93
C ALA A 183 -6.93 3.50 29.88
N ALA A 184 -7.48 4.26 28.93
CA ALA A 184 -8.93 4.30 28.76
C ALA A 184 -9.47 2.92 28.39
N THR A 185 -8.77 2.20 27.52
CA THR A 185 -9.23 0.89 27.08
C THR A 185 -9.31 -0.09 28.25
N ASN A 186 -8.33 -0.06 29.15
CA ASN A 186 -8.28 -1.01 30.26
C ASN A 186 -8.89 -0.47 31.55
N LEU A 187 -9.40 0.76 31.54
CA LEU A 187 -9.92 1.37 32.76
C LEU A 187 -11.02 0.54 33.39
N GLY A 188 -12.05 0.20 32.62
CA GLY A 188 -13.15 -0.54 33.21
C GLY A 188 -12.67 -1.84 33.82
N LYS A 189 -11.70 -2.47 33.16
CA LYS A 189 -11.38 -3.82 33.57
C LYS A 189 -10.55 -3.79 34.84
N PHE A 190 -9.68 -2.80 34.95
CA PHE A 190 -8.95 -2.54 36.20
C PHE A 190 -9.89 -2.11 37.32
N ALA A 191 -10.87 -1.25 37.01
CA ALA A 191 -11.80 -0.79 38.04
C ALA A 191 -12.61 -1.94 38.60
N ALA A 192 -12.83 -2.99 37.81
CA ALA A 192 -13.56 -4.14 38.31
C ALA A 192 -12.87 -4.77 39.53
N THR A 193 -11.57 -4.53 39.71
CA THR A 193 -10.81 -5.12 40.81
C THR A 193 -10.58 -4.17 41.98
N VAL A 194 -11.14 -2.96 41.95
CA VAL A 194 -10.85 -1.96 42.96
C VAL A 194 -11.95 -1.96 44.02
N GLU A 195 -11.55 -1.65 45.26
CA GLU A 195 -12.50 -1.59 46.36
C GLU A 195 -13.54 -0.50 46.12
N SER A 196 -14.75 -0.74 46.62
CA SER A 196 -15.83 0.24 46.47
C SER A 196 -15.40 1.62 46.94
N ALA A 197 -14.71 1.68 48.07
CA ALA A 197 -14.29 2.97 48.62
C ALA A 197 -13.50 3.78 47.59
N HIS A 198 -12.53 3.14 46.94
CA HIS A 198 -11.69 3.83 45.97
C HIS A 198 -12.27 3.81 44.55
N LEU A 199 -13.29 2.99 44.30
CA LEU A 199 -13.94 3.00 42.98
C LEU A 199 -14.59 4.33 42.72
N LYS A 200 -15.14 4.95 43.76
CA LYS A 200 -15.92 6.17 43.63
C LYS A 200 -15.09 7.43 43.82
N THR A 201 -13.80 7.31 44.14
CA THR A 201 -12.92 8.46 44.24
C THR A 201 -11.80 8.43 43.21
N ASP A 202 -10.94 7.41 43.23
CA ASP A 202 -9.78 7.38 42.34
C ASP A 202 -10.18 6.99 40.92
N VAL A 203 -11.01 5.96 40.79
CA VAL A 203 -11.44 5.52 39.47
C VAL A 203 -12.27 6.61 38.80
N MET A 204 -13.10 7.30 39.59
CA MET A 204 -13.88 8.42 39.04
C MET A 204 -12.97 9.54 38.56
N SER A 205 -11.91 9.83 39.32
CA SER A 205 -10.96 10.84 38.89
C SER A 205 -10.31 10.45 37.57
N MET A 206 -9.89 9.18 37.46
CA MET A 206 -9.31 8.72 36.20
C MET A 206 -10.30 8.87 35.05
N PHE A 207 -11.54 8.43 35.26
CA PHE A 207 -12.55 8.48 34.20
C PHE A 207 -12.82 9.92 33.77
N GLU A 208 -12.91 10.84 34.73
CA GLU A 208 -13.24 12.22 34.39
C GLU A 208 -12.06 12.91 33.72
N ASP A 209 -10.83 12.57 34.11
CA ASP A 209 -9.68 13.08 33.38
C ASP A 209 -9.69 12.58 31.94
N LEU A 210 -10.00 11.31 31.74
CA LEU A 210 -10.02 10.77 30.38
C LEU A 210 -11.11 11.42 29.54
N THR A 211 -12.31 11.60 30.11
CA THR A 211 -13.40 12.21 29.37
C THR A 211 -13.12 13.65 28.96
N GLN A 212 -12.23 14.34 29.67
CA GLN A 212 -11.84 15.70 29.33
C GLN A 212 -10.52 15.75 28.55
N ASP A 213 -10.00 14.60 28.12
CA ASP A 213 -8.75 14.57 27.40
C ASP A 213 -8.82 15.44 26.15
N ASP A 214 -7.66 15.95 25.73
CA ASP A 214 -7.61 16.86 24.59
C ASP A 214 -7.78 16.16 23.25
N GLN A 215 -7.54 14.85 23.18
CA GLN A 215 -7.66 14.15 21.91
C GLN A 215 -8.98 13.41 21.78
N ASP A 216 -9.46 13.33 20.53
CA ASP A 216 -10.74 12.70 20.25
C ASP A 216 -10.74 11.23 20.61
N SER A 217 -9.69 10.51 20.22
CA SER A 217 -9.66 9.06 20.39
C SER A 217 -9.67 8.67 21.86
N VAL A 218 -8.92 9.40 22.70
CA VAL A 218 -8.93 9.13 24.13
C VAL A 218 -10.32 9.30 24.70
N ARG A 219 -10.99 10.40 24.33
CA ARG A 219 -12.33 10.66 24.84
C ARG A 219 -13.32 9.59 24.38
N LEU A 220 -13.22 9.18 23.13
CA LEU A 220 -14.12 8.13 22.62
C LEU A 220 -13.93 6.83 23.39
N LEU A 221 -12.66 6.44 23.60
CA LEU A 221 -12.39 5.22 24.34
C LEU A 221 -12.91 5.33 25.78
N ALA A 222 -12.73 6.49 26.41
CA ALA A 222 -13.23 6.67 27.76
C ALA A 222 -14.75 6.56 27.80
N VAL A 223 -15.44 7.20 26.86
CA VAL A 223 -16.90 7.13 26.84
C VAL A 223 -17.36 5.71 26.61
N GLU A 224 -16.56 4.90 25.91
CA GLU A 224 -16.96 3.51 25.68
C GLU A 224 -17.11 2.72 26.98
N GLY A 225 -16.39 3.12 28.04
CA GLY A 225 -16.40 2.40 29.31
C GLY A 225 -17.52 2.78 30.27
N CYS A 226 -18.45 3.63 29.83
CA CYS A 226 -19.52 4.08 30.71
C CYS A 226 -20.37 2.90 31.18
N ALA A 227 -20.68 1.97 30.28
CA ALA A 227 -21.53 0.84 30.65
C ALA A 227 -20.88 0.01 31.75
N ALA A 228 -19.60 -0.34 31.59
CA ALA A 228 -18.92 -1.14 32.60
C ALA A 228 -18.85 -0.40 33.92
N LEU A 229 -18.44 0.87 33.90
CA LEU A 229 -18.32 1.61 35.15
C LEU A 229 -19.67 1.71 35.86
N GLY A 230 -20.75 1.98 35.10
CA GLY A 230 -22.06 2.04 35.71
C GLY A 230 -22.49 0.71 36.28
N LYS A 231 -22.20 -0.38 35.58
CA LYS A 231 -22.52 -1.70 36.11
C LYS A 231 -21.71 -2.01 37.37
N LEU A 232 -20.61 -1.29 37.60
CA LEU A 232 -19.83 -1.48 38.82
C LEU A 232 -20.19 -0.54 39.97
N LEU A 233 -21.03 0.46 39.74
CA LEU A 233 -21.22 1.53 40.72
C LEU A 233 -22.61 1.48 41.36
N GLU A 234 -22.75 2.25 42.44
CA GLU A 234 -24.04 2.52 43.05
C GLU A 234 -24.81 3.54 42.21
N PRO A 235 -26.14 3.53 42.28
CA PRO A 235 -26.91 4.49 41.47
C PRO A 235 -26.56 5.94 41.73
N GLN A 236 -26.31 6.29 42.99
N GLN A 236 -26.27 6.31 42.99
CA GLN A 236 -25.93 7.65 43.35
CA GLN A 236 -25.96 7.70 43.28
C GLN A 236 -24.74 8.12 42.52
C GLN A 236 -24.72 8.16 42.53
N ASP A 237 -23.61 7.41 42.66
CA ASP A 237 -22.39 7.79 41.97
C ASP A 237 -22.54 7.66 40.47
N CYS A 238 -23.30 6.66 40.01
CA CYS A 238 -23.55 6.54 38.57
C CYS A 238 -24.20 7.81 38.03
N VAL A 239 -25.28 8.25 38.66
CA VAL A 239 -25.95 9.47 38.22
C VAL A 239 -25.01 10.66 38.33
N GLN A 240 -24.22 10.72 39.40
CA GLN A 240 -23.38 11.89 39.62
C GLN A 240 -22.25 11.99 38.59
N HIS A 241 -21.69 10.86 38.18
CA HIS A 241 -20.45 10.85 37.40
C HIS A 241 -20.63 10.44 35.94
N ILE A 242 -21.32 9.32 35.68
CA ILE A 242 -21.37 8.78 34.33
C ILE A 242 -22.50 9.39 33.51
N LEU A 243 -23.66 9.59 34.13
CA LEU A 243 -24.83 10.06 33.38
C LEU A 243 -24.56 11.39 32.69
N PRO A 244 -23.97 12.40 33.35
CA PRO A 244 -23.67 13.64 32.64
C PRO A 244 -22.75 13.45 31.45
N VAL A 245 -21.79 12.53 31.55
CA VAL A 245 -20.90 12.26 30.42
C VAL A 245 -21.70 11.72 29.25
N ILE A 246 -22.61 10.78 29.52
CA ILE A 246 -23.46 10.22 28.47
C ILE A 246 -24.28 11.33 27.82
N VAL A 247 -24.88 12.19 28.65
CA VAL A 247 -25.72 13.25 28.12
C VAL A 247 -24.91 14.20 27.25
N ASN A 248 -23.73 14.60 27.73
CA ASN A 248 -22.90 15.54 26.98
C ASN A 248 -22.45 14.95 25.66
N PHE A 249 -22.01 13.69 25.66
CA PHE A 249 -21.46 13.10 24.46
C PHE A 249 -22.53 12.60 23.49
N SER A 250 -23.79 12.49 23.93
CA SER A 250 -24.86 12.11 23.00
C SER A 250 -25.05 13.12 21.88
N GLN A 251 -24.55 14.34 22.08
CA GLN A 251 -24.66 15.44 21.14
C GLN A 251 -23.27 15.99 20.78
N ASP A 252 -22.26 15.13 20.86
CA ASP A 252 -20.95 15.38 20.28
C ASP A 252 -21.04 15.43 18.75
N LYS A 253 -20.14 16.20 18.15
CA LYS A 253 -20.10 16.33 16.70
C LYS A 253 -19.64 15.05 16.00
N SER A 254 -19.02 14.13 16.73
CA SER A 254 -18.51 12.89 16.15
C SER A 254 -19.60 11.83 16.20
N TRP A 255 -19.96 11.29 15.04
CA TRP A 255 -21.03 10.29 14.99
C TRP A 255 -20.62 8.99 15.68
N ARG A 256 -19.32 8.67 15.71
N ARG A 256 -19.32 8.67 15.71
CA ARG A 256 -18.87 7.46 16.38
CA ARG A 256 -18.87 7.46 16.38
C ARG A 256 -19.12 7.54 17.89
C ARG A 256 -19.12 7.54 17.89
N VAL A 257 -18.84 8.69 18.49
CA VAL A 257 -19.11 8.87 19.91
C VAL A 257 -20.61 8.72 20.18
N ARG A 258 -21.43 9.33 19.33
CA ARG A 258 -22.89 9.24 19.50
C ARG A 258 -23.36 7.80 19.33
N TYR A 259 -22.74 7.05 18.42
CA TYR A 259 -23.06 5.64 18.25
C TYR A 259 -22.73 4.85 19.51
N MET A 260 -21.55 5.11 20.10
CA MET A 260 -21.20 4.48 21.35
C MET A 260 -22.24 4.77 22.44
N VAL A 261 -22.63 6.04 22.54
CA VAL A 261 -23.61 6.44 23.56
C VAL A 261 -24.94 5.75 23.32
N ALA A 262 -25.38 5.69 22.07
CA ALA A 262 -26.64 5.03 21.75
C ALA A 262 -26.60 3.56 22.15
N ASN A 263 -25.45 2.91 21.92
CA ASN A 263 -25.32 1.52 22.34
C ASN A 263 -25.42 1.37 23.86
N GLN A 264 -24.85 2.32 24.61
CA GLN A 264 -24.81 2.16 26.07
C GLN A 264 -26.02 2.72 26.82
N LEU A 265 -26.91 3.47 26.15
CA LEU A 265 -28.00 4.13 26.89
C LEU A 265 -28.88 3.14 27.64
N TYR A 266 -29.36 2.10 26.96
CA TYR A 266 -30.28 1.18 27.63
C TYR A 266 -29.61 0.52 28.83
N GLU A 267 -28.35 0.11 28.68
N GLU A 267 -28.35 0.11 28.67
CA GLU A 267 -27.64 -0.51 29.80
CA GLU A 267 -27.63 -0.51 29.79
C GLU A 267 -27.54 0.44 30.98
C GLU A 267 -27.55 0.45 30.97
N LEU A 268 -27.24 1.72 30.71
CA LEU A 268 -27.18 2.70 31.79
C LEU A 268 -28.54 2.95 32.41
N CYS A 269 -29.62 2.70 31.66
CA CYS A 269 -30.96 2.94 32.18
C CYS A 269 -31.23 2.12 33.44
N GLU A 270 -30.91 0.82 33.40
CA GLU A 270 -31.08 0.01 34.60
C GLU A 270 -30.27 0.59 35.76
N ALA A 271 -29.06 1.04 35.48
CA ALA A 271 -28.17 1.48 36.56
C ALA A 271 -28.68 2.74 37.24
N VAL A 272 -29.24 3.68 36.48
CA VAL A 272 -29.60 4.97 37.07
C VAL A 272 -30.97 4.97 37.74
N GLY A 273 -31.91 4.15 37.26
CA GLY A 273 -33.24 4.12 37.84
C GLY A 273 -34.25 4.89 37.01
N PRO A 274 -35.54 4.76 37.37
CA PRO A 274 -36.60 5.35 36.54
C PRO A 274 -36.57 6.87 36.45
N GLU A 275 -36.42 7.55 37.59
N GLU A 275 -36.42 7.55 37.59
CA GLU A 275 -36.46 9.01 37.59
CA GLU A 275 -36.46 9.01 37.59
C GLU A 275 -35.33 9.61 36.77
C GLU A 275 -35.33 9.61 36.77
N PRO A 276 -34.06 9.28 37.01
CA PRO A 276 -32.99 9.83 36.15
C PRO A 276 -33.13 9.44 34.70
N THR A 277 -33.63 8.23 34.42
CA THR A 277 -33.86 7.82 33.04
C THR A 277 -34.89 8.71 32.38
N ARG A 278 -35.96 9.04 33.10
CA ARG A 278 -36.99 9.92 32.56
C ARG A 278 -36.46 11.33 32.34
N THR A 279 -35.79 11.89 33.34
CA THR A 279 -35.32 13.26 33.23
C THR A 279 -34.08 13.38 32.35
N GLU A 280 -33.18 12.41 32.39
CA GLU A 280 -31.90 12.52 31.72
C GLU A 280 -31.79 11.65 30.47
N LEU A 281 -32.08 10.35 30.55
CA LEU A 281 -31.77 9.48 29.43
C LEU A 281 -32.75 9.66 28.26
N VAL A 282 -34.02 9.95 28.55
CA VAL A 282 -35.03 9.98 27.49
C VAL A 282 -34.73 11.05 26.45
N PRO A 283 -34.43 12.30 26.81
CA PRO A 283 -34.11 13.30 25.77
C PRO A 283 -32.90 12.93 24.93
N ALA A 284 -31.86 12.38 25.56
CA ALA A 284 -30.69 11.94 24.81
C ALA A 284 -31.05 10.85 23.82
N TYR A 285 -31.84 9.87 24.27
CA TYR A 285 -32.30 8.81 23.37
C TYR A 285 -33.12 9.39 22.23
N VAL A 286 -33.98 10.35 22.53
CA VAL A 286 -34.81 10.95 21.48
C VAL A 286 -33.93 11.61 20.43
N ARG A 287 -32.92 12.36 20.88
N ARG A 287 -32.92 12.36 20.88
CA ARG A 287 -32.01 13.01 19.93
CA ARG A 287 -32.01 13.01 19.93
C ARG A 287 -31.25 11.98 19.11
C ARG A 287 -31.25 11.98 19.11
N LEU A 288 -30.81 10.88 19.73
CA LEU A 288 -30.09 9.85 19.00
C LEU A 288 -31.01 9.16 17.98
N LEU A 289 -32.26 8.91 18.36
CA LEU A 289 -33.23 8.34 17.42
C LEU A 289 -33.43 9.26 16.22
N ARG A 290 -33.36 10.56 16.43
CA ARG A 290 -33.47 11.55 15.36
C ARG A 290 -32.09 12.08 14.93
N ASP A 291 -31.07 11.21 14.98
CA ASP A 291 -29.71 11.62 14.67
C ASP A 291 -29.50 11.86 13.19
N ASN A 292 -28.51 12.71 12.88
CA ASN A 292 -28.20 13.03 11.49
C ASN A 292 -27.64 11.83 10.73
N GLU A 293 -26.97 10.91 11.42
CA GLU A 293 -26.29 9.80 10.77
C GLU A 293 -27.12 8.52 10.89
N ALA A 294 -27.15 7.75 9.80
CA ALA A 294 -27.97 6.54 9.75
C ALA A 294 -27.48 5.47 10.72
N GLU A 295 -26.17 5.38 10.95
CA GLU A 295 -25.65 4.38 11.89
C GLU A 295 -26.20 4.60 13.30
N VAL A 296 -26.20 5.85 13.76
CA VAL A 296 -26.74 6.15 15.08
C VAL A 296 -28.23 5.83 15.14
N ARG A 297 -28.97 6.18 14.08
CA ARG A 297 -30.40 5.90 14.05
C ARG A 297 -30.65 4.40 14.11
N ILE A 298 -29.84 3.61 13.39
CA ILE A 298 -29.96 2.17 13.44
C ILE A 298 -29.72 1.66 14.86
N ALA A 299 -28.66 2.15 15.48
CA ALA A 299 -28.34 1.70 16.84
C ALA A 299 -29.48 2.02 17.80
N ALA A 300 -30.06 3.22 17.70
CA ALA A 300 -31.14 3.59 18.62
C ALA A 300 -32.42 2.81 18.31
N ALA A 301 -32.72 2.59 17.03
CA ALA A 301 -33.96 1.91 16.66
C ALA A 301 -33.95 0.45 17.09
N GLY A 302 -32.79 -0.19 17.07
CA GLY A 302 -32.71 -1.57 17.51
C GLY A 302 -33.05 -1.76 18.98
N LYS A 303 -33.31 -0.68 19.72
CA LYS A 303 -33.46 -0.74 21.16
C LYS A 303 -34.65 0.04 21.68
N VAL A 304 -35.44 0.65 20.81
CA VAL A 304 -36.62 1.39 21.25
C VAL A 304 -37.54 0.48 22.06
N THR A 305 -37.63 -0.80 21.69
CA THR A 305 -38.51 -1.71 22.43
C THR A 305 -37.97 -2.00 23.82
N LYS A 306 -36.69 -2.38 23.91
CA LYS A 306 -36.09 -2.65 25.22
C LYS A 306 -36.27 -1.46 26.14
N PHE A 307 -36.00 -0.26 25.63
CA PHE A 307 -35.96 0.96 26.41
C PHE A 307 -37.34 1.59 26.58
N CYS A 308 -38.35 1.07 25.89
CA CYS A 308 -39.73 1.36 26.24
C CYS A 308 -40.29 0.38 27.26
N ARG A 309 -39.71 -0.82 27.35
CA ARG A 309 -40.22 -1.83 28.26
C ARG A 309 -40.04 -1.41 29.71
N ILE A 310 -38.91 -0.78 30.04
CA ILE A 310 -38.70 -0.28 31.40
C ILE A 310 -39.44 1.01 31.67
N LEU A 311 -39.91 1.70 30.62
CA LEU A 311 -40.40 3.06 30.76
C LEU A 311 -41.89 3.07 31.11
N ASN A 312 -42.33 4.19 31.65
CA ASN A 312 -43.75 4.42 31.82
C ASN A 312 -44.42 4.54 30.45
N PRO A 313 -45.54 3.87 30.22
CA PRO A 313 -46.20 4.00 28.91
C PRO A 313 -46.60 5.41 28.56
N GLU A 314 -46.87 6.27 29.55
CA GLU A 314 -47.12 7.67 29.25
C GLU A 314 -45.91 8.32 28.61
N ILE A 315 -44.75 8.17 29.25
CA ILE A 315 -43.52 8.74 28.71
C ILE A 315 -43.19 8.11 27.36
N ALA A 316 -43.33 6.79 27.26
CA ALA A 316 -43.07 6.11 25.99
C ALA A 316 -43.95 6.70 24.88
N ILE A 317 -45.26 6.76 25.12
CA ILE A 317 -46.18 7.28 24.10
C ILE A 317 -45.82 8.71 23.72
N GLN A 318 -45.53 9.55 24.72
CA GLN A 318 -45.27 10.95 24.44
C GLN A 318 -44.00 11.14 23.63
N HIS A 319 -42.90 10.49 24.04
CA HIS A 319 -41.60 10.78 23.47
C HIS A 319 -41.16 9.76 22.42
N ILE A 320 -41.20 8.46 22.74
CA ILE A 320 -40.61 7.46 21.85
C ILE A 320 -41.46 7.29 20.59
N LEU A 321 -42.79 7.20 20.72
CA LEU A 321 -43.62 6.96 19.54
C LEU A 321 -43.39 7.94 18.39
N PRO A 322 -43.32 9.26 18.61
CA PRO A 322 -43.08 10.14 17.46
C PRO A 322 -41.82 9.77 16.70
N CYS A 323 -40.75 9.47 17.45
CA CYS A 323 -39.50 9.02 16.83
C CYS A 323 -39.70 7.70 16.10
N VAL A 324 -40.51 6.80 16.66
CA VAL A 324 -40.77 5.53 16.00
C VAL A 324 -41.50 5.76 14.67
N LYS A 325 -42.41 6.72 14.65
CA LYS A 325 -43.13 7.05 13.42
C LYS A 325 -42.18 7.51 12.35
N GLU A 326 -41.38 8.52 12.68
CA GLU A 326 -40.42 9.05 11.72
C GLU A 326 -39.47 7.96 11.25
N LEU A 327 -39.02 7.09 12.16
CA LEU A 327 -38.14 5.99 11.77
C LEU A 327 -38.85 5.03 10.83
N SER A 328 -40.16 4.82 11.02
CA SER A 328 -40.91 3.99 10.10
C SER A 328 -40.85 4.54 8.68
N SER A 329 -40.96 5.86 8.53
CA SER A 329 -40.81 6.53 7.25
C SER A 329 -39.38 7.01 7.00
N ASP A 330 -38.40 6.39 7.66
CA ASP A 330 -37.01 6.77 7.47
C ASP A 330 -36.54 6.45 6.05
N SER A 331 -35.53 7.18 5.60
CA SER A 331 -35.00 6.98 4.26
C SER A 331 -34.15 5.72 4.14
N SER A 332 -33.45 5.35 5.22
CA SER A 332 -32.52 4.23 5.14
C SER A 332 -33.25 2.90 5.31
N GLN A 333 -33.04 1.98 4.38
CA GLN A 333 -33.65 0.66 4.49
C GLN A 333 -33.12 -0.09 5.70
N HIS A 334 -31.86 0.13 6.07
CA HIS A 334 -31.31 -0.53 7.26
C HIS A 334 -31.95 0.02 8.54
N VAL A 335 -32.23 1.32 8.59
CA VAL A 335 -32.94 1.87 9.74
C VAL A 335 -34.32 1.25 9.86
N ARG A 336 -35.03 1.15 8.75
CA ARG A 336 -36.36 0.55 8.77
C ARG A 336 -36.29 -0.92 9.17
N SER A 337 -35.29 -1.65 8.67
CA SER A 337 -35.12 -3.04 9.04
C SER A 337 -34.89 -3.18 10.54
N ALA A 338 -33.98 -2.39 11.10
CA ALA A 338 -33.69 -2.48 12.53
C ALA A 338 -34.92 -2.13 13.35
N LEU A 339 -35.66 -1.09 12.95
CA LEU A 339 -36.87 -0.74 13.69
C LEU A 339 -37.90 -1.85 13.62
N ALA A 340 -38.09 -2.44 12.45
CA ALA A 340 -39.11 -3.48 12.27
C ALA A 340 -38.76 -4.73 13.05
N SER A 341 -37.47 -5.05 13.17
CA SER A 341 -37.08 -6.28 13.86
C SER A 341 -37.42 -6.28 15.34
N VAL A 342 -37.78 -5.14 15.91
CA VAL A 342 -38.02 -5.05 17.35
C VAL A 342 -39.33 -4.34 17.65
N ILE A 343 -39.94 -3.71 16.64
CA ILE A 343 -41.13 -2.91 16.88
C ILE A 343 -42.29 -3.79 17.35
N MET A 344 -42.39 -5.02 16.84
CA MET A 344 -43.48 -5.90 17.27
C MET A 344 -43.46 -6.14 18.77
N GLY A 345 -42.27 -6.17 19.37
CA GLY A 345 -42.15 -6.46 20.80
C GLY A 345 -42.86 -5.47 21.70
N MET A 346 -43.37 -4.37 21.14
CA MET A 346 -44.02 -3.35 21.95
C MET A 346 -45.52 -3.50 22.01
N ALA A 347 -46.09 -4.48 21.32
CA ALA A 347 -47.52 -4.76 21.45
C ALA A 347 -47.94 -4.98 22.90
N PRO A 348 -47.23 -5.79 23.70
CA PRO A 348 -47.65 -6.02 25.09
C PRO A 348 -47.29 -4.88 26.02
N VAL A 349 -46.12 -4.29 25.80
CA VAL A 349 -45.63 -3.20 26.66
C VAL A 349 -46.61 -2.02 26.63
N LEU A 350 -47.06 -1.62 25.44
CA LEU A 350 -47.96 -0.46 25.37
C LEU A 350 -49.34 -0.80 25.92
N GLY A 351 -49.84 -2.00 25.63
CA GLY A 351 -51.21 -2.33 25.99
C GLY A 351 -52.16 -2.07 24.83
N LYS A 352 -53.20 -2.91 24.76
CA LYS A 352 -54.07 -2.90 23.59
C LYS A 352 -54.59 -1.50 23.27
N ASP A 353 -55.02 -0.76 24.29
CA ASP A 353 -55.62 0.55 24.05
C ASP A 353 -54.64 1.49 23.35
N ALA A 354 -53.41 1.58 23.85
CA ALA A 354 -52.42 2.46 23.24
C ALA A 354 -51.90 1.90 21.93
N THR A 355 -51.65 0.59 21.88
CA THR A 355 -51.18 -0.04 20.65
C THR A 355 -52.12 0.29 19.50
N ILE A 356 -53.43 0.28 19.76
CA ILE A 356 -54.39 0.45 18.68
C ILE A 356 -54.31 1.85 18.09
N GLU A 357 -54.16 2.86 18.95
CA GLU A 357 -54.09 4.23 18.44
C GLU A 357 -52.74 4.51 17.78
N HIS A 358 -51.65 3.93 18.28
CA HIS A 358 -50.33 4.38 17.87
C HIS A 358 -49.56 3.41 16.98
N LEU A 359 -49.56 2.11 17.28
CA LEU A 359 -48.67 1.18 16.59
C LEU A 359 -49.29 0.52 15.37
N LEU A 360 -50.61 0.46 15.28
CA LEU A 360 -51.31 -0.20 14.18
C LEU A 360 -50.81 0.31 12.83
N PRO A 361 -50.92 1.61 12.56
CA PRO A 361 -50.54 2.11 11.23
C PRO A 361 -49.10 1.81 10.87
N ILE A 362 -48.19 1.92 11.84
CA ILE A 362 -46.79 1.65 11.58
C ILE A 362 -46.59 0.17 11.26
N PHE A 363 -47.27 -0.71 12.00
CA PHE A 363 -47.22 -2.13 11.67
C PHE A 363 -47.64 -2.39 10.23
N LEU A 364 -48.78 -1.82 9.82
CA LEU A 364 -49.23 -2.12 8.46
C LEU A 364 -48.29 -1.51 7.42
N SER A 365 -47.79 -0.29 7.68
CA SER A 365 -46.83 0.31 6.76
C SER A 365 -45.60 -0.57 6.59
N LEU A 366 -45.01 -1.01 7.71
CA LEU A 366 -43.85 -1.89 7.63
C LEU A 366 -44.19 -3.19 6.92
N LEU A 367 -45.42 -3.66 7.06
CA LEU A 367 -45.83 -4.85 6.31
C LEU A 367 -45.72 -4.63 4.81
N LYS A 368 -46.15 -3.46 4.33
CA LYS A 368 -46.08 -3.12 2.91
C LYS A 368 -44.84 -2.28 2.61
N ASP A 369 -43.67 -2.87 2.91
CA ASP A 369 -42.41 -2.18 2.66
C ASP A 369 -41.85 -2.56 1.29
N GLU A 370 -41.06 -1.65 0.73
N GLU A 370 -41.05 -1.66 0.73
CA GLU A 370 -40.49 -1.86 -0.60
CA GLU A 370 -40.49 -1.86 -0.60
C GLU A 370 -39.34 -2.86 -0.61
C GLU A 370 -39.34 -2.85 -0.61
N PHE A 371 -38.76 -3.17 0.55
CA PHE A 371 -37.61 -4.05 0.62
C PHE A 371 -37.94 -5.30 1.41
N PRO A 372 -37.64 -6.49 0.88
CA PRO A 372 -37.98 -7.72 1.60
C PRO A 372 -37.34 -7.82 2.98
N ASP A 373 -36.25 -7.09 3.23
CA ASP A 373 -35.65 -7.08 4.56
C ASP A 373 -36.66 -6.67 5.62
N VAL A 374 -37.22 -5.46 5.48
CA VAL A 374 -38.12 -4.94 6.50
C VAL A 374 -39.31 -5.86 6.67
N ARG A 375 -39.93 -6.24 5.55
CA ARG A 375 -41.05 -7.17 5.60
C ARG A 375 -40.69 -8.40 6.42
N LEU A 376 -39.69 -9.15 5.95
CA LEU A 376 -39.31 -10.38 6.65
C LEU A 376 -39.06 -10.14 8.12
N ASN A 377 -38.39 -9.04 8.47
CA ASN A 377 -38.08 -8.77 9.87
C ASN A 377 -39.35 -8.64 10.70
N ILE A 378 -40.34 -7.91 10.18
CA ILE A 378 -41.66 -7.82 10.83
C ILE A 378 -42.57 -9.04 10.68
N ILE A 379 -42.36 -9.90 9.69
CA ILE A 379 -43.35 -10.93 9.42
C ILE A 379 -42.92 -12.20 10.13
N SER A 380 -41.61 -12.42 10.23
CA SER A 380 -41.10 -13.64 10.84
C SER A 380 -41.49 -13.72 12.32
N LYS A 381 -41.36 -12.61 13.04
CA LYS A 381 -41.69 -12.59 14.47
C LYS A 381 -43.12 -12.12 14.67
N LEU A 382 -44.05 -12.98 14.31
CA LEU A 382 -45.47 -12.71 14.47
C LEU A 382 -46.04 -13.43 15.69
N VAL B 3 47.44 26.20 51.02
CA VAL B 3 47.85 26.74 49.75
C VAL B 3 49.28 27.29 49.82
N PRO B 4 49.52 28.24 50.72
CA PRO B 4 50.85 28.86 50.79
C PRO B 4 51.92 27.87 51.22
N GLY B 5 53.15 28.16 50.80
CA GLY B 5 54.27 27.36 51.24
C GLY B 5 54.38 27.36 52.75
N PHE B 6 54.77 26.20 53.29
CA PHE B 6 54.84 25.87 54.71
C PHE B 6 53.45 25.64 55.31
N GLU B 7 52.38 25.97 54.59
CA GLU B 7 51.06 25.51 55.01
C GLU B 7 50.89 24.05 54.68
N LYS B 8 51.43 23.63 53.53
CA LYS B 8 51.49 22.22 53.21
C LYS B 8 52.33 21.46 54.23
N LEU B 9 53.50 21.99 54.58
CA LEU B 9 54.35 21.32 55.58
C LEU B 9 54.00 21.77 56.99
N ALA B 10 52.71 21.81 57.28
CA ALA B 10 52.18 21.73 58.63
C ALA B 10 50.98 20.81 58.75
N ASN B 11 50.23 20.58 57.66
CA ASN B 11 49.27 19.49 57.59
C ASN B 11 49.94 18.14 57.58
N LEU B 12 51.26 18.10 57.33
CA LEU B 12 52.03 16.89 57.62
C LEU B 12 51.89 16.51 59.08
N LEU B 13 51.99 17.50 59.98
CA LEU B 13 51.99 17.26 61.40
C LEU B 13 50.58 17.16 61.99
N LYS B 14 49.61 17.81 61.38
CA LYS B 14 48.28 17.91 61.99
C LYS B 14 47.52 16.61 61.80
N PRO B 15 47.09 15.95 62.88
CA PRO B 15 46.65 14.56 62.80
C PRO B 15 45.19 14.41 62.39
N LYS B 16 44.85 13.19 61.99
CA LYS B 16 43.47 12.85 61.68
C LYS B 16 42.65 12.79 62.97
N PRO B 17 41.38 13.20 62.94
CA PRO B 17 40.57 13.23 64.16
C PRO B 17 40.50 11.88 64.87
N GLY B 18 40.02 10.86 64.17
CA GLY B 18 39.97 9.52 64.71
C GLY B 18 38.66 9.17 65.40
N LEU B 19 38.56 7.89 65.77
CA LEU B 19 37.33 7.34 66.35
C LEU B 19 36.95 8.08 67.63
N LYS B 20 37.91 8.29 68.52
CA LYS B 20 37.62 8.96 69.78
C LYS B 20 37.12 10.37 69.55
N LYS B 21 37.75 11.10 68.62
CA LYS B 21 37.35 12.47 68.37
C LYS B 21 35.94 12.53 67.78
N LEU B 22 35.61 11.63 66.84
CA LEU B 22 34.23 11.52 66.38
C LEU B 22 33.26 11.23 67.52
N LEU B 23 33.55 10.24 68.38
CA LEU B 23 32.58 9.93 69.42
C LEU B 23 32.40 11.10 70.37
N LYS B 24 33.49 11.79 70.72
CA LYS B 24 33.38 12.97 71.58
C LYS B 24 32.53 14.04 70.90
N TRP B 25 32.74 14.26 69.61
CA TRP B 25 31.94 15.25 68.89
C TRP B 25 30.46 14.86 68.92
N ALA B 26 30.16 13.58 68.69
CA ALA B 26 28.77 13.14 68.68
C ALA B 26 28.14 13.30 70.06
N ASP B 27 28.88 12.99 71.12
CA ASP B 27 28.35 13.19 72.47
C ASP B 27 28.08 14.67 72.74
N ALA B 28 28.85 15.56 72.12
CA ALA B 28 28.65 17.00 72.23
C ALA B 28 27.71 17.54 71.17
N LYS B 29 27.18 16.68 70.28
CA LYS B 29 26.27 17.10 69.23
C LYS B 29 26.88 18.20 68.36
N LYS B 30 28.12 17.99 67.95
CA LYS B 30 28.77 18.90 67.02
C LYS B 30 28.04 18.85 65.69
N PRO B 31 27.67 20.00 65.11
CA PRO B 31 26.89 19.98 63.88
C PRO B 31 27.71 19.33 62.74
N PRO B 32 27.01 18.60 61.86
CA PRO B 32 27.75 17.84 60.81
C PRO B 32 28.60 18.70 59.89
N GLU B 33 28.14 19.91 59.54
CA GLU B 33 28.98 20.83 58.78
C GLU B 33 30.33 21.07 59.45
N THR B 34 30.34 21.22 60.77
CA THR B 34 31.60 21.38 61.48
C THR B 34 32.48 20.15 61.33
N VAL B 35 31.90 18.96 61.49
CA VAL B 35 32.67 17.73 61.34
C VAL B 35 33.24 17.63 59.93
N PHE B 36 32.47 18.07 58.94
CA PHE B 36 32.92 18.10 57.54
C PHE B 36 34.10 19.02 57.37
N THR B 37 33.99 20.23 57.90
CA THR B 37 35.17 21.07 57.83
C THR B 37 36.34 20.49 58.61
N ARG B 38 36.15 19.77 59.70
CA ARG B 38 37.43 19.39 60.32
C ARG B 38 37.98 18.16 59.74
N LEU B 39 37.08 17.28 59.33
CA LEU B 39 37.48 16.23 58.44
C LEU B 39 38.12 16.88 57.23
N ARG B 40 38.89 16.08 56.56
CA ARG B 40 39.73 16.64 55.54
C ARG B 40 39.01 16.78 54.23
N LEU B 41 37.68 16.85 54.26
CA LEU B 41 36.87 16.78 53.05
C LEU B 41 36.65 18.15 52.40
N ASP B 42 37.17 19.23 52.98
CA ASP B 42 37.11 20.52 52.30
C ASP B 42 37.97 20.52 51.03
N LYS B 43 39.09 19.82 51.06
CA LYS B 43 40.09 19.84 49.99
C LYS B 43 39.99 18.63 49.08
N THR B 44 38.79 18.13 48.82
CA THR B 44 38.62 17.01 47.90
C THR B 44 37.94 17.40 46.59
N GLY B 45 37.06 18.40 46.61
CA GLY B 45 36.39 18.80 45.38
C GLY B 45 35.61 17.65 44.78
N THR B 46 35.79 17.45 43.47
CA THR B 46 35.06 16.41 42.76
C THR B 46 35.50 15.00 43.13
N GLN B 47 36.58 14.86 43.91
CA GLN B 47 36.98 13.58 44.46
C GLN B 47 36.36 13.32 45.83
N LEU B 48 35.42 14.16 46.26
CA LEU B 48 34.85 14.06 47.60
C LEU B 48 34.37 12.64 47.91
N PHE B 49 33.59 12.06 47.00
CA PHE B 49 32.99 10.76 47.27
C PHE B 49 34.01 9.63 47.26
N ASP B 50 35.21 9.86 46.72
CA ASP B 50 36.24 8.84 46.71
C ASP B 50 37.11 8.86 47.97
N ASN B 51 36.88 9.81 48.87
CA ASN B 51 37.72 9.95 50.05
C ASN B 51 37.32 8.93 51.11
N THR B 52 38.32 8.40 51.81
CA THR B 52 38.07 7.35 52.80
C THR B 52 37.30 7.90 53.99
N ASP B 53 37.38 9.21 54.22
CA ASP B 53 36.68 9.89 55.31
C ASP B 53 35.28 10.32 54.97
N PHE B 54 34.86 10.25 53.71
CA PHE B 54 33.47 10.60 53.39
C PHE B 54 32.48 9.69 54.09
N PRO B 55 32.61 8.37 54.04
CA PRO B 55 31.67 7.51 54.78
C PRO B 55 31.66 7.79 56.27
N VAL B 56 32.79 8.20 56.85
CA VAL B 56 32.82 8.55 58.27
C VAL B 56 31.87 9.72 58.54
N TRP B 57 32.01 10.78 57.75
CA TRP B 57 31.13 11.93 57.92
C TRP B 57 29.68 11.56 57.66
N ALA B 58 29.42 10.73 56.66
CA ALA B 58 28.06 10.30 56.37
C ALA B 58 27.45 9.55 57.56
N ALA B 59 28.22 8.64 58.15
CA ALA B 59 27.73 7.89 59.30
C ALA B 59 27.47 8.83 60.49
N TYR B 60 28.38 9.78 60.73
CA TYR B 60 28.17 10.72 61.83
C TYR B 60 26.89 11.52 61.63
N THR B 61 26.75 12.13 60.45
CA THR B 61 25.56 12.91 60.14
C THR B 61 24.29 12.06 60.24
N ARG B 62 24.36 10.79 59.84
CA ARG B 62 23.20 9.92 60.00
C ARG B 62 22.87 9.71 61.47
N SER B 63 23.91 9.53 62.29
CA SER B 63 23.69 9.34 63.72
C SER B 63 23.03 10.55 64.37
N VAL B 64 23.48 11.76 64.01
CA VAL B 64 22.94 12.96 64.65
C VAL B 64 21.47 13.18 64.28
N ALA B 65 21.06 12.74 63.09
CA ALA B 65 19.71 12.98 62.61
C ALA B 65 18.77 11.89 63.14
N GLN B 66 17.50 11.93 62.71
CA GLN B 66 16.52 10.90 63.05
C GLN B 66 16.23 9.97 61.90
N THR B 67 15.99 10.51 60.70
CA THR B 67 15.66 9.73 59.52
C THR B 67 16.79 9.78 58.50
N ASP B 68 16.75 8.85 57.55
CA ASP B 68 17.67 8.90 56.43
C ASP B 68 17.48 10.17 55.63
N SER B 69 16.22 10.59 55.44
CA SER B 69 15.95 11.80 54.68
C SER B 69 16.54 13.03 55.36
N GLU B 70 16.41 13.12 56.69
CA GLU B 70 16.98 14.26 57.39
C GLU B 70 18.50 14.30 57.28
N ALA B 71 19.14 13.14 57.43
CA ALA B 71 20.59 13.09 57.28
C ALA B 71 21.01 13.49 55.87
N SER B 72 20.28 13.01 54.86
CA SER B 72 20.59 13.37 53.49
C SER B 72 20.37 14.86 53.25
N ALA B 73 19.32 15.43 53.84
CA ALA B 73 19.06 16.85 53.68
C ALA B 73 20.17 17.68 54.30
N VAL B 74 20.62 17.30 55.50
CA VAL B 74 21.71 18.02 56.15
C VAL B 74 22.99 17.89 55.31
N MET B 75 23.27 16.69 54.82
CA MET B 75 24.44 16.48 53.99
C MET B 75 24.38 17.33 52.72
N LEU B 76 23.21 17.37 52.08
CA LEU B 76 23.05 18.15 50.86
C LEU B 76 23.20 19.64 51.13
N LYS B 77 22.61 20.12 52.22
CA LYS B 77 22.79 21.52 52.59
C LYS B 77 24.26 21.84 52.78
N THR B 78 25.00 20.95 53.41
CA THR B 78 26.45 21.12 53.49
C THR B 78 27.09 21.06 52.11
N LEU B 79 26.50 20.32 51.18
CA LEU B 79 27.06 20.15 49.84
C LEU B 79 26.53 21.16 48.84
N VAL B 80 25.27 21.59 48.99
CA VAL B 80 24.67 22.55 48.05
C VAL B 80 25.18 23.96 48.27
N SER B 81 26.10 24.16 49.21
CA SER B 81 26.80 25.43 49.38
C SER B 81 28.28 25.32 49.03
N ARG B 82 28.69 24.22 48.41
CA ARG B 82 30.08 24.01 48.02
C ARG B 82 30.24 23.53 46.57
N TYR B 83 29.19 23.04 45.92
CA TYR B 83 29.26 22.53 44.56
C TYR B 83 28.08 23.07 43.76
N SER B 84 28.28 23.15 42.43
CA SER B 84 27.20 23.50 41.53
C SER B 84 26.31 22.28 41.29
N ASP B 85 25.11 22.55 40.78
CA ASP B 85 24.16 21.46 40.57
C ASP B 85 24.71 20.42 39.60
N GLU B 86 25.28 20.87 38.47
CA GLU B 86 25.88 19.91 37.54
C GLU B 86 26.99 19.12 38.21
N VAL B 87 27.93 19.80 38.87
CA VAL B 87 29.09 19.11 39.40
C VAL B 87 28.66 18.10 40.45
N LEU B 88 27.75 18.49 41.34
CA LEU B 88 27.26 17.57 42.35
C LEU B 88 26.55 16.38 41.71
N SER B 89 25.72 16.63 40.69
CA SER B 89 25.02 15.53 40.04
C SER B 89 26.00 14.58 39.37
N GLY B 90 27.03 15.11 38.73
CA GLY B 90 28.03 14.24 38.11
C GLY B 90 28.79 13.41 39.12
N MET B 91 29.16 14.03 40.24
CA MET B 91 29.82 13.28 41.30
C MET B 91 28.92 12.18 41.85
N ILE B 92 27.63 12.49 42.05
CA ILE B 92 26.69 11.51 42.56
C ILE B 92 26.53 10.35 41.57
N ALA B 93 26.41 10.68 40.28
CA ALA B 93 26.27 9.64 39.27
C ALA B 93 27.49 8.73 39.25
N ALA B 94 28.69 9.32 39.34
CA ALA B 94 29.90 8.50 39.39
C ALA B 94 29.91 7.63 40.64
N ALA B 95 29.54 8.19 41.79
CA ALA B 95 29.53 7.42 43.03
C ALA B 95 28.50 6.30 43.01
N LYS B 96 27.45 6.44 42.20
CA LYS B 96 26.40 5.43 42.16
C LYS B 96 26.87 4.12 41.52
N LYS B 97 27.90 4.17 40.68
CA LYS B 97 28.40 2.97 40.03
C LYS B 97 29.38 2.18 40.90
N SER B 98 29.59 2.59 42.15
CA SER B 98 30.55 1.97 43.04
C SER B 98 29.83 1.39 44.26
N SER B 99 30.31 0.23 44.71
CA SER B 99 29.58 -0.53 45.72
C SER B 99 29.52 0.18 47.07
N LYS B 100 30.68 0.61 47.58
CA LYS B 100 30.71 1.20 48.93
C LYS B 100 29.81 2.40 49.05
N THR B 101 29.65 3.16 47.98
CA THR B 101 28.98 4.44 48.02
C THR B 101 27.63 4.45 47.30
N GLU B 102 27.19 3.31 46.77
CA GLU B 102 25.96 3.28 45.99
C GLU B 102 24.76 3.74 46.81
N SER B 103 24.62 3.19 48.02
CA SER B 103 23.45 3.51 48.84
C SER B 103 23.40 4.99 49.20
N ILE B 104 24.51 5.53 49.69
CA ILE B 104 24.54 6.93 50.10
C ILE B 104 24.37 7.85 48.89
N ALA B 105 24.98 7.49 47.75
CA ALA B 105 24.81 8.31 46.56
C ALA B 105 23.37 8.33 46.09
N THR B 106 22.70 7.17 46.14
CA THR B 106 21.28 7.12 45.76
C THR B 106 20.43 7.96 46.70
N LYS B 107 20.70 7.88 48.01
CA LYS B 107 19.95 8.71 48.95
C LYS B 107 20.18 10.19 48.69
N LEU B 108 21.43 10.57 48.42
CA LEU B 108 21.72 11.97 48.12
C LEU B 108 21.03 12.43 46.84
N GLU B 109 20.99 11.56 45.82
CA GLU B 109 20.27 11.92 44.59
C GLU B 109 18.78 12.07 44.86
N THR B 110 18.21 11.21 45.70
CA THR B 110 16.80 11.34 46.03
C THR B 110 16.52 12.68 46.72
N GLU B 111 17.32 13.03 47.72
CA GLU B 111 17.12 14.30 48.40
C GLU B 111 17.37 15.47 47.46
N GLN B 112 18.36 15.34 46.57
CA GLN B 112 18.64 16.37 45.58
C GLN B 112 17.44 16.60 44.67
N MET B 113 16.83 15.52 44.20
CA MET B 113 15.66 15.64 43.33
C MET B 113 14.48 16.23 44.08
N ARG B 114 14.32 15.88 45.36
CA ARG B 114 13.27 16.52 46.14
C ARG B 114 13.53 18.02 46.30
N THR B 115 14.79 18.40 46.50
CA THR B 115 15.11 19.82 46.61
C THR B 115 14.78 20.55 45.32
N TRP B 116 15.12 19.96 44.18
CA TRP B 116 14.74 20.56 42.90
C TRP B 116 13.23 20.63 42.75
N LEU B 117 12.53 19.57 43.14
CA LEU B 117 11.07 19.50 42.98
C LEU B 117 10.38 20.54 43.84
N ALA B 118 10.83 20.72 45.09
CA ALA B 118 10.24 21.72 45.96
C ALA B 118 10.44 23.12 45.40
N ALA B 119 11.60 23.37 44.80
CA ALA B 119 11.77 24.59 44.01
C ALA B 119 10.93 24.58 42.74
N LYS B 120 10.30 23.44 42.42
CA LYS B 120 9.47 23.32 41.23
C LYS B 120 10.24 23.72 39.99
N LYS B 121 11.50 23.29 39.93
CA LYS B 121 12.26 23.33 38.70
C LYS B 121 11.78 22.18 37.82
N THR B 122 11.28 22.51 36.63
CA THR B 122 10.74 21.50 35.75
C THR B 122 11.87 20.64 35.16
N PRO B 123 11.53 19.47 34.64
CA PRO B 123 12.55 18.67 33.94
C PRO B 123 13.21 19.42 32.80
N ASP B 124 12.49 20.37 32.18
CA ASP B 124 13.12 21.24 31.19
C ASP B 124 14.19 22.11 31.85
N ASP B 125 13.89 22.65 33.04
CA ASP B 125 14.88 23.45 33.74
C ASP B 125 16.14 22.65 34.04
N MET B 126 15.98 21.40 34.49
CA MET B 126 17.15 20.57 34.78
C MET B 126 17.84 20.11 33.50
N PHE B 127 17.09 19.99 32.40
CA PHE B 127 17.72 19.78 31.10
C PHE B 127 18.66 20.93 30.77
N LEU B 128 18.22 22.16 31.05
CA LEU B 128 19.10 23.31 30.91
C LEU B 128 20.29 23.24 31.86
N VAL B 129 20.03 22.89 33.13
CA VAL B 129 21.08 22.92 34.14
C VAL B 129 22.19 21.93 33.82
N PHE B 130 21.84 20.78 33.25
CA PHE B 130 22.82 19.75 32.95
C PHE B 130 23.55 19.97 31.63
N LYS B 131 23.28 21.07 30.93
CA LYS B 131 23.90 21.36 29.65
C LYS B 131 23.55 20.31 28.58
N LEU B 132 22.45 19.59 28.77
CA LEU B 132 21.98 18.67 27.74
C LEU B 132 21.58 19.43 26.48
N ASN B 133 21.34 20.74 26.58
CA ASN B 133 21.25 21.58 25.40
C ASN B 133 22.50 21.43 24.55
N LYS B 134 23.65 21.26 25.19
CA LYS B 134 24.94 21.43 24.54
C LYS B 134 25.62 20.12 24.15
N ALA B 135 25.06 18.98 24.55
CA ALA B 135 25.65 17.70 24.15
C ALA B 135 25.53 17.47 22.65
N GLY B 136 24.42 17.91 22.06
CA GLY B 136 24.27 17.75 20.62
C GLY B 136 24.25 16.28 20.23
N ASP B 137 25.06 15.94 19.22
CA ASP B 137 25.07 14.58 18.70
C ASP B 137 25.54 13.57 19.73
N ASP B 138 26.20 14.01 20.80
CA ASP B 138 26.68 13.12 21.85
C ASP B 138 25.77 13.10 23.07
N ILE B 139 24.55 13.64 22.94
CA ILE B 139 23.67 13.77 24.11
C ILE B 139 23.41 12.40 24.74
N LEU B 140 23.20 11.37 23.91
CA LEU B 140 22.87 10.06 24.44
C LEU B 140 24.01 9.45 25.24
N SER B 141 25.23 9.97 25.09
CA SER B 141 26.38 9.51 25.87
C SER B 141 26.66 10.38 27.08
N SER B 142 25.85 11.39 27.33
CA SER B 142 26.11 12.31 28.43
C SER B 142 26.01 11.57 29.77
N PRO B 143 26.98 11.74 30.67
CA PRO B 143 26.89 11.09 31.98
C PRO B 143 25.70 11.54 32.81
N LEU B 144 25.13 12.71 32.52
CA LEU B 144 24.01 13.25 33.28
C LEU B 144 22.66 12.95 32.67
N LEU B 145 22.61 12.23 31.55
CA LEU B 145 21.31 11.91 30.94
C LEU B 145 20.49 10.99 31.84
N SER B 146 21.14 9.99 32.46
CA SER B 146 20.41 9.08 33.35
C SER B 146 19.84 9.82 34.55
N ALA B 147 20.62 10.75 35.12
CA ALA B 147 20.11 11.54 36.23
C ALA B 147 18.92 12.40 35.81
N TRP B 148 18.99 12.98 34.61
CA TRP B 148 17.86 13.75 34.11
C TRP B 148 16.63 12.87 33.93
N THR B 149 16.82 11.65 33.43
CA THR B 149 15.70 10.73 33.27
C THR B 149 15.09 10.36 34.62
N ASN B 150 15.95 10.15 35.63
CA ASN B 150 15.44 9.88 36.96
C ASN B 150 14.59 11.04 37.47
N TYR B 151 15.08 12.26 37.30
CA TYR B 151 14.31 13.41 37.74
C TYR B 151 13.02 13.56 36.93
N MET B 152 13.07 13.25 35.64
CA MET B 152 11.86 13.31 34.82
C MET B 152 10.81 12.33 35.31
N LYS B 153 11.23 11.10 35.63
CA LYS B 153 10.29 10.12 36.16
C LYS B 153 9.72 10.59 37.50
N LEU B 154 10.57 11.13 38.37
CA LEU B 154 10.07 11.61 39.66
C LEU B 154 9.07 12.74 39.46
N SER B 155 9.38 13.70 38.58
CA SER B 155 8.48 14.81 38.33
C SER B 155 7.15 14.33 37.75
N ASN B 156 7.21 13.37 36.82
CA ASN B 156 5.98 12.82 36.27
C ASN B 156 5.16 12.12 37.35
N LYS B 157 5.82 11.48 38.31
CA LYS B 157 5.11 10.85 39.41
C LYS B 157 4.44 11.89 40.31
N GLU B 158 5.18 12.93 40.69
CA GLU B 158 4.66 13.93 41.62
C GLU B 158 3.78 14.96 40.93
N ASN B 159 3.89 15.12 39.61
CA ASN B 159 3.11 16.09 38.85
C ASN B 159 2.45 15.39 37.67
N PRO B 160 1.45 14.54 37.94
CA PRO B 160 0.82 13.79 36.83
C PRO B 160 0.19 14.69 35.77
N LYS B 161 -0.27 15.88 36.15
CA LYS B 161 -0.92 16.78 35.20
C LYS B 161 0.08 17.47 34.27
N ALA B 162 1.37 17.38 34.54
CA ALA B 162 2.39 18.11 33.78
C ALA B 162 3.57 17.21 33.44
N GLN B 163 3.28 16.01 32.93
CA GLN B 163 4.34 15.09 32.57
C GLN B 163 4.96 15.48 31.23
N THR B 164 6.18 14.98 31.00
CA THR B 164 6.92 15.23 29.77
C THR B 164 7.71 13.98 29.40
N THR B 165 8.45 14.08 28.29
CA THR B 165 9.25 12.98 27.79
C THR B 165 10.59 13.50 27.28
N LEU B 166 11.55 12.58 27.12
CA LEU B 166 12.85 12.97 26.61
C LEU B 166 12.77 13.50 25.18
N ILE B 167 11.93 12.86 24.34
CA ILE B 167 11.80 13.31 22.97
C ILE B 167 11.19 14.71 22.91
N ALA B 168 10.19 14.98 23.77
CA ALA B 168 9.57 16.30 23.78
C ALA B 168 10.57 17.38 24.18
N THR B 169 11.38 17.12 25.22
CA THR B 169 12.37 18.11 25.64
C THR B 169 13.45 18.30 24.58
N MET B 170 13.94 17.20 24.00
CA MET B 170 14.93 17.30 22.94
C MET B 170 14.39 18.12 21.77
N THR B 171 13.14 17.89 21.40
CA THR B 171 12.53 18.69 20.34
C THR B 171 12.44 20.15 20.75
N LYS B 172 11.97 20.41 21.97
CA LYS B 172 11.80 21.79 22.41
C LYS B 172 13.11 22.56 22.33
N HIS B 173 14.24 21.88 22.55
CA HIS B 173 15.51 22.60 22.56
C HIS B 173 16.36 22.42 21.28
N TYR B 174 15.97 21.54 20.36
CA TYR B 174 16.74 21.29 19.15
C TYR B 174 15.93 21.40 17.86
N GLY B 175 14.64 21.72 17.93
CA GLY B 175 13.86 21.65 16.72
C GLY B 175 13.75 20.23 16.21
N ASP B 176 12.75 19.99 15.38
CA ASP B 176 12.63 18.69 14.74
C ASP B 176 13.89 18.36 13.96
N SER B 177 14.49 19.37 13.34
CA SER B 177 15.69 19.14 12.53
C SER B 177 16.87 18.69 13.39
N GLY B 178 17.21 19.43 14.45
CA GLY B 178 18.30 19.00 15.29
C GLY B 178 18.05 17.62 15.88
N VAL B 179 16.82 17.35 16.30
CA VAL B 179 16.54 16.02 16.85
C VAL B 179 16.78 14.94 15.80
N SER B 180 16.28 15.17 14.58
CA SER B 180 16.41 14.17 13.54
C SER B 180 17.88 13.88 13.23
N GLN B 181 18.69 14.93 13.10
CA GLN B 181 20.09 14.66 12.77
C GLN B 181 20.88 14.12 13.96
N ILE B 182 20.50 14.48 15.19
CA ILE B 182 21.11 13.84 16.36
C ILE B 182 20.85 12.34 16.33
N LEU B 183 19.60 11.95 16.07
CA LEU B 183 19.28 10.52 16.03
C LEU B 183 20.01 9.83 14.88
N ALA B 184 20.07 10.48 13.72
CA ALA B 184 20.79 9.91 12.59
C ALA B 184 22.26 9.65 12.94
N ALA B 185 22.90 10.63 13.59
CA ALA B 185 24.29 10.43 14.02
C ALA B 185 24.39 9.31 15.05
N ALA B 186 23.43 9.26 15.98
CA ALA B 186 23.51 8.28 17.07
C ALA B 186 23.36 6.86 16.56
N ARG B 187 22.63 6.65 15.48
CA ARG B 187 22.50 5.28 14.99
C ARG B 187 23.69 4.82 14.16
N LYS B 188 24.70 5.67 13.95
CA LYS B 188 25.94 5.26 13.33
C LYS B 188 26.95 4.70 14.32
N SER B 189 26.77 4.96 15.62
CA SER B 189 27.60 4.36 16.64
C SER B 189 26.86 3.18 17.26
N PRO B 190 27.42 1.97 17.24
CA PRO B 190 26.68 0.82 17.79
C PRO B 190 26.34 0.96 19.26
N ALA B 191 27.07 1.79 20.01
CA ALA B 191 26.79 1.98 21.43
C ALA B 191 25.49 2.72 21.67
N THR B 192 25.02 3.51 20.70
CA THR B 192 23.81 4.32 20.86
C THR B 192 22.75 3.99 19.81
N GLN B 193 22.92 2.89 19.06
CA GLN B 193 22.00 2.60 17.96
C GLN B 193 20.59 2.26 18.47
N SER B 194 20.51 1.36 19.45
CA SER B 194 19.20 0.92 19.94
C SER B 194 18.41 2.08 20.54
N THR B 195 19.07 2.88 21.37
CA THR B 195 18.40 4.04 21.96
C THR B 195 17.96 5.02 20.88
N ALA B 196 18.77 5.18 19.84
CA ALA B 196 18.39 6.07 18.74
C ALA B 196 17.13 5.56 18.04
N LYS B 197 17.04 4.25 17.80
CA LYS B 197 15.84 3.70 17.17
C LYS B 197 14.62 3.93 18.05
N ARG B 198 14.77 3.69 19.36
CA ARG B 198 13.67 3.95 20.28
C ARG B 198 13.23 5.41 20.21
N LEU B 199 14.20 6.32 20.16
CA LEU B 199 13.87 7.73 20.11
C LEU B 199 13.24 8.13 18.79
N GLU B 200 13.59 7.45 17.69
CA GLU B 200 12.91 7.69 16.43
C GLU B 200 11.43 7.32 16.52
N ALA B 201 11.15 6.17 17.15
CA ALA B 201 9.75 5.82 17.39
C ALA B 201 9.06 6.87 18.26
N GLU B 202 9.76 7.33 19.30
CA GLU B 202 9.23 8.39 20.15
C GLU B 202 8.94 9.66 19.34
N GLN B 203 9.81 9.97 18.39
CA GLN B 203 9.62 11.15 17.55
C GLN B 203 8.36 11.02 16.71
N VAL B 204 8.12 9.82 16.16
CA VAL B 204 6.89 9.61 15.40
C VAL B 204 5.68 9.83 16.30
N GLN B 205 5.72 9.27 17.51
CA GLN B 205 4.60 9.47 18.42
C GLN B 205 4.41 10.94 18.78
N LEU B 206 5.52 11.67 18.96
CA LEU B 206 5.42 13.10 19.26
C LEU B 206 4.80 13.87 18.10
N TRP B 207 5.19 13.55 16.87
CA TRP B 207 4.61 14.21 15.71
C TRP B 207 3.11 13.94 15.65
N LEU B 208 2.69 12.70 15.91
CA LEU B 208 1.27 12.41 15.98
C LEU B 208 0.59 13.21 17.07
N LYS B 209 1.25 13.35 18.23
CA LYS B 209 0.67 14.09 19.34
C LYS B 209 0.46 15.56 18.98
N LYS B 210 1.42 16.15 18.28
CA LYS B 210 1.35 17.56 17.93
C LYS B 210 0.51 17.82 16.68
N GLY B 211 -0.27 16.84 16.24
CA GLY B 211 -1.20 17.03 15.14
C GLY B 211 -0.58 17.04 13.75
N ARG B 212 0.69 16.66 13.62
CA ARG B 212 1.33 16.67 12.31
C ARG B 212 0.66 15.68 11.37
N THR B 213 0.43 16.12 10.14
CA THR B 213 -0.19 15.28 9.12
C THR B 213 0.89 14.57 8.31
N PRO B 214 0.50 13.57 7.51
CA PRO B 214 1.48 12.94 6.62
C PRO B 214 2.14 13.93 5.68
N ASP B 215 1.43 14.98 5.27
CA ASP B 215 2.03 16.01 4.44
C ASP B 215 3.25 16.62 5.13
N ASP B 216 3.07 17.05 6.38
CA ASP B 216 4.19 17.67 7.10
C ASP B 216 5.31 16.68 7.37
N THR B 217 4.96 15.46 7.78
CA THR B 217 5.99 14.45 8.07
C THR B 217 6.74 14.03 6.81
N PHE B 218 6.16 14.27 5.62
CA PHE B 218 6.89 14.01 4.38
C PHE B 218 8.17 14.84 4.33
N THR B 219 8.07 16.14 4.59
CA THR B 219 9.26 16.97 4.66
C THR B 219 10.03 16.75 5.96
N LEU B 220 9.31 16.40 7.04
CA LEU B 220 9.99 16.16 8.31
C LEU B 220 10.90 14.94 8.24
N LEU B 221 10.52 13.90 7.49
CA LEU B 221 11.41 12.78 7.24
C LEU B 221 12.43 13.08 6.14
N SER B 222 12.42 14.29 5.59
CA SER B 222 13.34 14.66 4.51
C SER B 222 13.14 13.80 3.26
N LEU B 223 11.89 13.38 3.01
CA LEU B 223 11.61 12.65 1.78
C LEU B 223 11.90 13.52 0.55
N ASP B 224 11.58 14.82 0.65
CA ASP B 224 11.92 15.74 -0.43
C ASP B 224 13.41 15.71 -0.75
N ARG B 225 14.25 15.45 0.26
CA ARG B 225 15.69 15.42 0.04
C ARG B 225 16.13 14.21 -0.77
N ALA B 226 15.29 13.18 -0.87
CA ALA B 226 15.64 12.02 -1.69
C ALA B 226 15.31 12.24 -3.15
N GLY B 227 14.74 13.39 -3.51
CA GLY B 227 14.42 13.65 -4.90
C GLY B 227 13.47 12.61 -5.46
N ASP B 228 13.85 12.00 -6.57
CA ASP B 228 13.02 11.04 -7.27
C ASP B 228 13.32 9.60 -6.86
N ASP B 229 14.11 9.39 -5.81
CA ASP B 229 14.49 8.06 -5.34
C ASP B 229 14.05 7.83 -3.90
N LEU B 230 12.89 8.37 -3.54
CA LEU B 230 12.43 8.31 -2.15
C LEU B 230 12.04 6.90 -1.73
N LEU B 231 11.52 6.09 -2.65
CA LEU B 231 11.06 4.74 -2.26
C LEU B 231 12.20 3.91 -1.69
N ALA B 232 13.44 4.20 -2.06
CA ALA B 232 14.59 3.44 -1.56
C ALA B 232 14.95 3.81 -0.13
N SER B 233 14.39 4.88 0.42
CA SER B 233 14.81 5.40 1.71
C SER B 233 14.13 4.65 2.85
N PRO B 234 14.86 4.39 3.96
CA PRO B 234 14.18 3.92 5.18
C PRO B 234 13.22 4.94 5.75
N GLN B 235 13.49 6.24 5.54
CA GLN B 235 12.51 7.25 5.91
C GLN B 235 11.18 7.02 5.23
N PHE B 236 11.18 6.43 4.04
CA PHE B 236 9.90 6.11 3.38
C PHE B 236 9.13 5.07 4.18
N ASN B 237 9.81 4.04 4.68
CA ASN B 237 9.15 3.06 5.53
C ASN B 237 8.64 3.71 6.81
N THR B 238 9.43 4.61 7.39
CA THR B 238 8.95 5.34 8.56
C THR B 238 7.71 6.16 8.22
N TRP B 239 7.68 6.78 7.04
CA TRP B 239 6.53 7.56 6.62
C TRP B 239 5.30 6.69 6.45
N MET B 240 5.47 5.49 5.89
CA MET B 240 4.34 4.57 5.77
C MET B 240 3.82 4.15 7.14
N LYS B 241 4.72 3.89 8.08
CA LYS B 241 4.30 3.59 9.45
C LYS B 241 3.54 4.76 10.05
N TYR B 242 4.03 5.98 9.82
CA TYR B 242 3.33 7.17 10.29
C TYR B 242 1.95 7.28 9.69
N ILE B 243 1.81 6.97 8.40
CA ILE B 243 0.52 7.04 7.74
C ILE B 243 -0.45 6.03 8.35
N ASN B 244 0.04 4.82 8.65
CA ASN B 244 -0.82 3.85 9.32
C ASN B 244 -1.29 4.36 10.68
N TYR B 245 -0.36 4.91 11.47
CA TYR B 245 -0.73 5.50 12.76
C TYR B 245 -1.79 6.58 12.58
N TYR B 246 -1.55 7.49 11.64
CA TYR B 246 -2.45 8.61 11.42
C TYR B 246 -3.83 8.14 10.99
N ASN B 247 -3.88 7.15 10.10
CA ASN B 247 -5.18 6.61 9.68
C ASN B 247 -5.92 6.01 10.86
N LYS B 248 -5.21 5.27 11.73
CA LYS B 248 -5.87 4.75 12.92
C LYS B 248 -6.40 5.88 13.79
N GLU B 249 -5.67 7.01 13.85
CA GLU B 249 -6.12 8.13 14.67
C GLU B 249 -7.24 8.94 14.00
N ASN B 250 -7.25 9.02 12.68
CA ASN B 250 -8.19 9.88 11.94
C ASN B 250 -8.89 9.08 10.86
N PRO B 251 -9.84 8.23 11.24
CA PRO B 251 -10.49 7.37 10.24
C PRO B 251 -11.16 8.10 9.09
N ASP B 252 -11.81 9.25 9.36
N ASP B 252 -11.82 9.25 9.35
CA ASP B 252 -12.55 9.95 8.34
CA ASP B 252 -12.55 9.93 8.29
C ASP B 252 -11.65 10.77 7.42
C ASP B 252 -11.68 10.83 7.43
N GLU B 253 -10.46 11.16 7.88
CA GLU B 253 -9.52 11.89 7.07
C GLU B 253 -8.47 10.93 6.50
N LYS B 254 -8.81 9.64 6.42
N LYS B 254 -8.82 9.64 6.43
CA LYS B 254 -7.90 8.61 5.94
CA LYS B 254 -7.90 8.61 5.94
C LYS B 254 -7.48 8.91 4.51
C LYS B 254 -7.49 8.92 4.51
N THR B 255 -6.18 9.07 4.30
CA THR B 255 -5.61 9.32 2.98
C THR B 255 -4.55 8.27 2.71
N THR B 256 -4.60 7.67 1.53
CA THR B 256 -3.67 6.61 1.17
C THR B 256 -2.30 7.18 0.87
N VAL B 257 -1.31 6.28 0.77
CA VAL B 257 0.05 6.68 0.47
C VAL B 257 0.12 7.34 -0.91
N LEU B 258 -0.57 6.76 -1.89
CA LEU B 258 -0.53 7.31 -3.24
C LEU B 258 -1.11 8.71 -3.29
N ALA B 259 -2.16 8.97 -2.51
CA ALA B 259 -2.77 10.30 -2.50
C ALA B 259 -1.79 11.36 -1.99
N LYS B 260 -1.07 11.06 -0.92
CA LYS B 260 -0.07 12.01 -0.40
C LYS B 260 1.09 12.16 -1.37
N LEU B 261 1.52 11.06 -2.00
CA LEU B 261 2.54 11.17 -3.04
C LEU B 261 2.06 12.09 -4.16
N MET B 262 0.77 12.03 -4.50
CA MET B 262 0.20 12.95 -5.48
C MET B 262 0.23 14.39 -4.97
N THR B 263 -0.03 14.58 -3.68
CA THR B 263 0.19 15.88 -3.06
C THR B 263 1.60 16.41 -3.33
N HIS B 264 2.62 15.55 -3.18
CA HIS B 264 3.98 16.05 -3.37
C HIS B 264 4.51 15.81 -4.78
N PHE B 265 3.86 14.98 -5.58
CA PHE B 265 4.25 14.76 -6.97
C PHE B 265 3.02 14.77 -7.85
N ASP B 266 3.17 15.31 -9.06
CA ASP B 266 2.14 15.14 -10.07
C ASP B 266 2.46 13.91 -10.93
N ASP B 267 1.46 13.45 -11.70
CA ASP B 267 1.57 12.18 -12.40
C ASP B 267 2.83 12.10 -13.25
N GLU B 268 3.24 13.23 -13.85
CA GLU B 268 4.27 13.22 -14.87
C GLU B 268 5.60 12.71 -14.36
N GLU B 269 5.90 12.96 -13.09
CA GLU B 269 7.14 12.53 -12.47
C GLU B 269 6.94 11.34 -11.55
N LEU B 270 5.77 11.26 -10.92
CA LEU B 270 5.45 10.17 -10.01
C LEU B 270 5.41 8.83 -10.74
N THR B 271 4.72 8.78 -11.89
CA THR B 271 4.61 7.51 -12.60
C THR B 271 5.98 6.94 -12.98
N PRO B 272 6.88 7.73 -13.57
CA PRO B 272 8.23 7.18 -13.86
C PRO B 272 8.93 6.66 -12.61
N ILE B 273 8.73 7.31 -11.47
CA ILE B 273 9.34 6.84 -10.23
C ILE B 273 8.83 5.44 -9.90
N LEU B 274 7.52 5.24 -10.03
CA LEU B 274 6.93 3.93 -9.76
C LEU B 274 7.45 2.89 -10.76
N VAL B 275 7.58 3.26 -12.03
CA VAL B 275 8.07 2.32 -13.04
C VAL B 275 9.49 1.88 -12.70
N VAL B 276 10.36 2.86 -12.42
CA VAL B 276 11.75 2.56 -12.10
C VAL B 276 11.84 1.70 -10.84
N ALA B 277 11.08 2.06 -9.80
CA ALA B 277 11.11 1.28 -8.58
C ALA B 277 10.59 -0.13 -8.82
N ARG B 278 9.57 -0.27 -9.68
CA ARG B 278 9.06 -1.60 -10.01
C ARG B 278 10.15 -2.46 -10.64
N LYS B 279 11.02 -1.84 -11.46
CA LYS B 279 12.11 -2.62 -12.03
C LYS B 279 13.09 -3.09 -10.96
N VAL B 280 13.24 -2.35 -9.86
CA VAL B 280 14.21 -2.71 -8.82
C VAL B 280 13.58 -3.75 -7.90
N PRO B 281 14.23 -4.91 -7.70
CA PRO B 281 13.59 -5.97 -6.88
C PRO B 281 13.24 -5.53 -5.48
N SER B 282 14.12 -4.76 -4.82
CA SER B 282 13.88 -4.43 -3.41
C SER B 282 12.63 -3.61 -3.23
N THR B 283 12.31 -2.74 -4.19
CA THR B 283 11.09 -1.95 -4.15
C THR B 283 10.00 -2.55 -5.00
N GLU B 284 10.14 -3.82 -5.41
CA GLU B 284 9.22 -4.37 -6.38
C GLU B 284 7.81 -4.34 -5.83
N SER B 285 7.67 -4.80 -4.60
CA SER B 285 6.35 -4.94 -3.98
C SER B 285 5.70 -3.58 -3.77
N THR B 286 6.38 -2.69 -3.05
CA THR B 286 5.80 -1.38 -2.77
C THR B 286 5.37 -0.70 -4.06
N ALA B 287 6.30 -0.61 -5.02
CA ALA B 287 5.96 0.00 -6.31
C ALA B 287 4.71 -0.64 -6.87
N ALA B 288 4.67 -1.97 -6.91
CA ALA B 288 3.51 -2.64 -7.47
C ALA B 288 2.24 -2.13 -6.81
N LYS B 289 2.21 -2.16 -5.47
CA LYS B 289 1.00 -1.72 -4.79
C LYS B 289 0.64 -0.30 -5.19
N LEU B 290 1.63 0.60 -5.16
CA LEU B 290 1.36 1.97 -5.57
C LEU B 290 0.80 2.00 -6.99
N GLN B 291 1.46 1.28 -7.90
CA GLN B 291 0.97 1.24 -9.28
C GLN B 291 -0.49 0.78 -9.29
N ALA B 292 -0.79 -0.30 -8.55
CA ALA B 292 -2.16 -0.77 -8.51
C ALA B 292 -3.08 0.37 -8.13
N GLU B 293 -2.79 1.03 -7.01
CA GLU B 293 -3.65 2.12 -6.58
C GLU B 293 -3.74 3.19 -7.66
N GLN B 294 -2.59 3.54 -8.24
CA GLN B 294 -2.60 4.57 -9.27
C GLN B 294 -3.58 4.20 -10.38
N PHE B 295 -3.52 2.95 -10.86
CA PHE B 295 -4.43 2.57 -11.94
C PHE B 295 -5.87 2.78 -11.53
N LYS B 296 -6.23 2.30 -10.33
CA LYS B 296 -7.61 2.49 -9.88
C LYS B 296 -7.98 3.95 -9.90
N ASN B 297 -7.10 4.78 -9.41
CA ASN B 297 -7.34 6.19 -9.34
C ASN B 297 -7.50 6.78 -10.77
N TRP B 298 -6.67 6.36 -11.74
CA TRP B 298 -6.94 6.79 -13.12
C TRP B 298 -8.32 6.34 -13.56
N LEU B 299 -8.68 5.07 -13.28
CA LEU B 299 -9.98 4.59 -13.71
C LEU B 299 -11.10 5.41 -13.10
N SER B 300 -10.96 5.79 -11.83
CA SER B 300 -11.99 6.63 -11.22
C SER B 300 -12.03 7.98 -11.90
N ALA B 301 -10.86 8.54 -12.22
CA ALA B 301 -10.78 9.81 -12.92
C ALA B 301 -11.07 9.67 -14.41
N ASP B 302 -11.19 8.43 -14.91
CA ASP B 302 -11.48 8.18 -16.31
C ASP B 302 -10.39 8.77 -17.20
N LYS B 303 -9.14 8.63 -16.78
CA LYS B 303 -8.01 9.16 -17.53
C LYS B 303 -7.84 8.39 -18.85
N SER B 304 -7.51 9.12 -19.90
CA SER B 304 -7.44 8.52 -21.22
C SER B 304 -6.30 7.51 -21.30
N PRO B 305 -6.53 6.36 -21.94
CA PRO B 305 -5.43 5.40 -22.15
C PRO B 305 -4.25 5.97 -22.92
N GLU B 306 -4.45 7.00 -23.73
CA GLU B 306 -3.31 7.63 -24.41
C GLU B 306 -2.39 8.33 -23.39
N GLU B 307 -2.97 9.09 -22.47
CA GLU B 307 -2.16 9.71 -21.42
C GLU B 307 -1.53 8.65 -20.53
N ALA B 308 -2.26 7.57 -20.23
CA ALA B 308 -1.66 6.49 -19.45
C ALA B 308 -0.46 5.89 -20.17
N PHE B 309 -0.58 5.72 -21.49
CA PHE B 309 0.52 5.24 -22.31
C PHE B 309 1.74 6.15 -22.18
N THR B 310 1.51 7.47 -22.28
CA THR B 310 2.63 8.40 -22.18
C THR B 310 3.25 8.40 -20.78
N LEU B 311 2.41 8.38 -19.73
CA LEU B 311 2.92 8.47 -18.37
C LEU B 311 3.75 7.25 -18.01
N LEU B 312 3.37 6.08 -18.52
CA LEU B 312 4.12 4.85 -18.26
C LEU B 312 5.41 4.77 -19.06
N GLN B 313 5.75 5.81 -19.82
CA GLN B 313 6.98 5.90 -20.61
C GLN B 313 6.96 4.99 -21.83
N LEU B 314 5.80 4.43 -22.18
CA LEU B 314 5.74 3.55 -23.35
C LEU B 314 6.05 4.29 -24.65
N ASP B 315 5.88 5.61 -24.68
CA ASP B 315 6.27 6.38 -25.85
C ASP B 315 7.78 6.43 -26.04
N LYS B 316 8.56 6.00 -25.05
CA LYS B 316 10.00 5.90 -25.16
C LYS B 316 10.47 4.52 -25.60
N ALA B 317 9.59 3.52 -25.59
CA ALA B 317 10.01 2.14 -25.80
C ALA B 317 10.55 1.93 -27.22
N GLY B 318 9.96 2.59 -28.20
CA GLY B 318 10.37 2.38 -29.58
C GLY B 318 10.21 0.93 -29.98
N ASP B 319 11.22 0.41 -30.69
CA ASP B 319 11.13 -0.94 -31.23
C ASP B 319 11.02 -2.00 -30.15
N ASP B 320 11.32 -1.66 -28.90
CA ASP B 320 11.23 -2.59 -27.79
C ASP B 320 9.87 -2.53 -27.07
N LEU B 321 8.86 -1.94 -27.70
CA LEU B 321 7.57 -1.73 -27.03
C LEU B 321 7.02 -3.02 -26.42
N LEU B 322 6.96 -4.10 -27.20
CA LEU B 322 6.45 -5.38 -26.69
C LEU B 322 7.30 -6.02 -25.60
N THR B 323 8.56 -5.65 -25.43
CA THR B 323 9.29 -6.18 -24.29
C THR B 323 9.23 -5.27 -23.09
N ASN B 324 8.56 -4.13 -23.19
CA ASN B 324 8.46 -3.22 -22.05
C ASN B 324 7.63 -3.86 -20.94
N PRO B 325 8.12 -3.88 -19.70
CA PRO B 325 7.35 -4.52 -18.62
C PRO B 325 6.02 -3.86 -18.34
N GLN B 326 5.83 -2.59 -18.72
CA GLN B 326 4.60 -1.88 -18.43
C GLN B 326 3.54 -2.05 -19.51
N LEU B 327 3.84 -2.74 -20.62
CA LEU B 327 2.87 -2.87 -21.69
C LEU B 327 1.63 -3.64 -21.22
N THR B 328 1.84 -4.71 -20.45
CA THR B 328 0.70 -5.49 -19.97
C THR B 328 -0.20 -4.66 -19.07
N ASN B 329 0.40 -3.88 -18.17
CA ASN B 329 -0.38 -3.01 -17.29
C ASN B 329 -1.18 -2.00 -18.09
N TRP B 330 -0.57 -1.39 -19.11
CA TRP B 330 -1.29 -0.41 -19.91
C TRP B 330 -2.42 -1.06 -20.69
N LEU B 331 -2.18 -2.25 -21.27
CA LEU B 331 -3.23 -2.94 -21.98
C LEU B 331 -4.40 -3.28 -21.05
N LYS B 332 -4.09 -3.74 -19.84
CA LYS B 332 -5.14 -4.03 -18.87
C LYS B 332 -5.91 -2.77 -18.50
N TYR B 333 -5.20 -1.65 -18.29
CA TYR B 333 -5.89 -0.41 -17.96
C TYR B 333 -6.79 0.04 -19.10
N THR B 334 -6.33 -0.09 -20.34
CA THR B 334 -7.15 0.29 -21.49
C THR B 334 -8.40 -0.59 -21.57
N GLU B 335 -8.23 -1.89 -21.34
CA GLU B 335 -9.38 -2.79 -21.33
C GLU B 335 -10.38 -2.40 -20.26
N ASN B 336 -9.89 -2.07 -19.05
CA ASN B 336 -10.78 -1.64 -17.98
C ASN B 336 -11.47 -0.32 -18.34
N PHE B 337 -10.73 0.60 -18.96
CA PHE B 337 -11.28 1.90 -19.30
C PHE B 337 -12.41 1.78 -20.31
N ASN B 338 -12.24 0.93 -21.33
CA ASN B 338 -13.22 0.84 -22.40
C ASN B 338 -14.44 0.00 -22.06
N LEU B 339 -14.42 -0.71 -20.94
CA LEU B 339 -15.47 -1.67 -20.65
C LEU B 339 -16.70 -0.93 -20.15
N ASN B 340 -17.85 -1.20 -20.76
CA ASN B 340 -19.13 -0.50 -20.57
C ASN B 340 -19.17 0.82 -21.32
N LYS B 341 -18.09 1.24 -21.97
CA LYS B 341 -18.12 2.39 -22.86
C LYS B 341 -18.59 1.96 -24.25
N GLU B 342 -19.09 2.92 -25.01
CA GLU B 342 -19.56 2.65 -26.36
C GLU B 342 -18.45 2.98 -27.37
N ILE B 343 -18.74 2.71 -28.65
CA ILE B 343 -17.72 2.80 -29.67
C ILE B 343 -17.11 4.20 -29.70
N ASN B 344 -17.96 5.22 -29.74
CA ASN B 344 -17.48 6.59 -29.92
C ASN B 344 -16.78 7.12 -28.68
N GLU B 345 -17.01 6.52 -27.51
CA GLU B 345 -16.44 7.02 -26.26
C GLU B 345 -15.22 6.24 -25.80
N GLN B 346 -14.92 5.11 -26.43
CA GLN B 346 -13.81 4.29 -25.96
C GLN B 346 -12.53 4.62 -26.71
N VAL B 347 -11.41 4.43 -26.03
CA VAL B 347 -10.08 4.72 -26.56
C VAL B 347 -9.34 3.39 -26.63
N THR B 348 -9.17 2.87 -27.85
CA THR B 348 -8.64 1.53 -28.04
C THR B 348 -7.12 1.55 -28.19
N ALA B 349 -6.53 0.36 -28.10
CA ALA B 349 -5.07 0.25 -28.16
C ALA B 349 -4.53 0.71 -29.51
N ILE B 350 -5.22 0.35 -30.60
CA ILE B 350 -4.74 0.75 -31.92
C ILE B 350 -4.81 2.26 -32.08
N GLN B 351 -5.87 2.89 -31.56
CA GLN B 351 -5.97 4.34 -31.60
C GLN B 351 -4.81 5.00 -30.87
N VAL B 352 -4.46 4.48 -29.69
CA VAL B 352 -3.33 5.01 -28.94
C VAL B 352 -2.03 4.80 -29.70
N PHE B 353 -1.82 3.60 -30.24
CA PHE B 353 -0.62 3.32 -31.01
C PHE B 353 -0.45 4.34 -32.12
N ARG B 354 -1.49 4.52 -32.94
CA ARG B 354 -1.40 5.45 -34.05
C ARG B 354 -1.17 6.88 -33.57
N ALA B 355 -1.92 7.30 -32.54
CA ALA B 355 -1.75 8.66 -32.03
C ALA B 355 -0.35 8.87 -31.47
N GLN B 356 0.28 7.81 -30.97
CA GLN B 356 1.65 7.88 -30.48
C GLN B 356 2.68 7.70 -31.58
N TYR B 357 2.24 7.72 -32.84
CA TYR B 357 3.14 7.65 -34.00
C TYR B 357 3.82 6.28 -34.09
N VAL B 358 3.07 5.23 -33.81
CA VAL B 358 3.51 3.85 -34.03
C VAL B 358 2.47 3.21 -34.95
N ASP B 359 2.72 3.29 -36.26
CA ASP B 359 1.71 2.90 -37.24
C ASP B 359 1.52 1.39 -37.23
N ASP B 360 0.51 0.95 -37.98
CA ASP B 360 0.12 -0.45 -37.96
C ASP B 360 1.27 -1.36 -38.38
N SER B 361 2.04 -0.96 -39.38
CA SER B 361 3.13 -1.81 -39.86
C SER B 361 4.19 -2.00 -38.78
N ARG B 362 4.53 -0.93 -38.05
CA ARG B 362 5.51 -1.06 -36.97
C ARG B 362 5.00 -2.00 -35.88
N ILE B 363 3.74 -1.85 -35.48
CA ILE B 363 3.18 -2.74 -34.47
C ILE B 363 3.18 -4.18 -34.95
N ALA B 364 2.79 -4.40 -36.21
CA ALA B 364 2.76 -5.75 -36.76
C ALA B 364 4.15 -6.37 -36.80
N ASN B 365 5.17 -5.59 -37.19
CA ASN B 365 6.52 -6.12 -37.20
C ASN B 365 6.99 -6.47 -35.79
N MET B 366 6.68 -5.60 -34.81
CA MET B 366 7.03 -5.91 -33.43
C MET B 366 6.33 -7.19 -32.97
N VAL B 367 5.07 -7.36 -33.35
CA VAL B 367 4.33 -8.56 -32.97
C VAL B 367 4.96 -9.80 -33.61
N ILE B 368 5.34 -9.68 -34.89
CA ILE B 368 5.95 -10.80 -35.59
C ILE B 368 7.24 -11.22 -34.88
N ALA B 369 8.05 -10.25 -34.48
CA ALA B 369 9.28 -10.58 -33.76
C ALA B 369 8.98 -11.17 -32.39
N ALA B 370 8.03 -10.59 -31.65
CA ALA B 370 7.81 -10.99 -30.26
C ALA B 370 7.11 -12.34 -30.15
N GLU B 371 6.34 -12.73 -31.17
CA GLU B 371 5.67 -14.03 -31.13
C GLU B 371 6.64 -15.19 -31.22
N LYS B 372 7.88 -14.94 -31.66
CA LYS B 372 8.90 -15.97 -31.69
C LYS B 372 9.57 -16.19 -30.34
N VAL B 373 9.51 -15.21 -29.46
CA VAL B 373 10.17 -15.30 -28.14
C VAL B 373 9.15 -15.80 -27.13
N PRO B 374 9.42 -16.92 -26.44
CA PRO B 374 8.39 -17.50 -25.56
C PRO B 374 7.88 -16.58 -24.48
N ASN B 375 8.74 -15.74 -23.89
N ASN B 375 8.74 -15.75 -23.90
CA ASN B 375 8.33 -14.90 -22.77
CA ASN B 375 8.33 -14.90 -22.78
C ASN B 375 7.52 -13.67 -23.21
C ASN B 375 7.52 -13.67 -23.21
N THR B 376 7.48 -13.38 -24.51
CA THR B 376 6.65 -12.30 -25.03
C THR B 376 5.56 -12.79 -25.96
N GLN B 377 5.41 -14.10 -26.13
CA GLN B 377 4.47 -14.63 -27.11
C GLN B 377 3.03 -14.25 -26.79
N ALA B 378 2.64 -14.38 -25.52
CA ALA B 378 1.25 -14.11 -25.15
C ALA B 378 0.90 -12.64 -25.35
N ILE B 379 1.77 -11.73 -24.90
CA ILE B 379 1.51 -10.31 -25.08
C ILE B 379 1.52 -9.96 -26.56
N ALA B 380 2.40 -10.59 -27.33
CA ALA B 380 2.41 -10.34 -28.77
C ALA B 380 1.09 -10.74 -29.41
N LYS B 381 0.55 -11.89 -29.02
CA LYS B 381 -0.72 -12.29 -29.60
C LYS B 381 -1.85 -11.37 -29.17
N ARG B 382 -1.83 -10.88 -27.93
CA ARG B 382 -2.83 -9.89 -27.52
C ARG B 382 -2.73 -8.63 -28.39
N VAL B 383 -1.51 -8.16 -28.65
CA VAL B 383 -1.35 -6.95 -29.47
C VAL B 383 -1.84 -7.21 -30.90
N GLU B 384 -1.56 -8.40 -31.43
CA GLU B 384 -2.07 -8.75 -32.76
C GLU B 384 -3.60 -8.72 -32.78
N ASP B 385 -4.23 -9.27 -31.74
CA ASP B 385 -5.67 -9.19 -31.64
C ASP B 385 -6.14 -7.73 -31.62
N GLU B 386 -5.39 -6.85 -30.96
CA GLU B 386 -5.74 -5.43 -30.95
C GLU B 386 -5.71 -4.86 -32.36
N LEU B 387 -4.69 -5.21 -33.15
CA LEU B 387 -4.63 -4.72 -34.53
C LEU B 387 -5.84 -5.20 -35.33
N PHE B 388 -6.17 -6.49 -35.21
CA PHE B 388 -7.27 -7.01 -36.00
C PHE B 388 -8.61 -6.41 -35.56
N LYS B 389 -8.79 -6.21 -34.25
CA LYS B 389 -9.98 -5.53 -33.77
C LYS B 389 -10.09 -4.12 -34.34
N GLY B 390 -8.96 -3.39 -34.35
CA GLY B 390 -8.98 -2.05 -34.90
C GLY B 390 -9.40 -2.04 -36.35
N TRP B 391 -8.86 -2.98 -37.15
CA TRP B 391 -9.26 -3.03 -38.56
C TRP B 391 -10.72 -3.40 -38.71
N THR B 392 -11.22 -4.29 -37.86
CA THR B 392 -12.60 -4.77 -38.01
C THR B 392 -13.62 -3.72 -37.59
N VAL B 393 -13.32 -2.95 -36.54
CA VAL B 393 -14.32 -2.05 -35.98
C VAL B 393 -14.73 -0.98 -36.99
N VAL B 394 -13.79 -0.51 -37.81
CA VAL B 394 -14.10 0.55 -38.78
C VAL B 394 -14.49 -0.09 -40.11
N LEU B 395 -14.73 -1.40 -40.11
CA LEU B 395 -15.16 -2.11 -41.31
C LEU B 395 -14.15 -1.95 -42.45
N ASN B 396 -12.87 -2.05 -42.12
CA ASN B 396 -11.84 -1.99 -43.15
C ASN B 396 -11.97 -3.16 -44.11
N LYS B 397 -11.82 -2.88 -45.40
CA LYS B 397 -11.75 -3.92 -46.40
C LYS B 397 -10.32 -4.45 -46.49
N PRO B 398 -10.14 -5.64 -47.08
CA PRO B 398 -8.80 -6.21 -47.15
C PRO B 398 -7.78 -5.30 -47.84
N ASP B 399 -8.18 -4.54 -48.85
CA ASP B 399 -7.23 -3.61 -49.46
C ASP B 399 -6.86 -2.47 -48.52
N ASP B 400 -7.81 -2.04 -47.67
CA ASP B 400 -7.47 -1.06 -46.64
C ASP B 400 -6.41 -1.61 -45.69
N VAL B 401 -6.57 -2.87 -45.27
CA VAL B 401 -5.58 -3.47 -44.37
C VAL B 401 -4.25 -3.65 -45.09
N PHE B 402 -4.29 -3.97 -46.38
CA PHE B 402 -3.08 -4.04 -47.18
C PHE B 402 -2.32 -2.72 -47.14
N ILE B 403 -3.04 -1.61 -47.27
CA ILE B 403 -2.39 -0.30 -47.18
C ILE B 403 -1.90 -0.02 -45.76
N ASN B 404 -2.70 -0.39 -44.76
CA ASN B 404 -2.33 -0.12 -43.36
C ASN B 404 -1.02 -0.82 -43.00
N LEU B 405 -0.75 -1.96 -43.61
CA LEU B 405 0.50 -2.68 -43.38
C LEU B 405 1.63 -2.19 -44.28
N LYS B 406 1.38 -1.16 -45.09
CA LYS B 406 2.39 -0.58 -45.96
C LYS B 406 2.94 -1.59 -46.95
N LEU B 407 2.12 -2.59 -47.32
CA LEU B 407 2.56 -3.60 -48.26
C LEU B 407 2.73 -3.06 -49.68
N GLU B 408 2.23 -1.86 -49.96
CA GLU B 408 2.45 -1.21 -51.25
C GLU B 408 3.85 -0.61 -51.38
N THR B 409 4.58 -0.49 -50.28
CA THR B 409 5.95 0.03 -50.29
C THR B 409 7.00 -1.07 -50.27
N VAL B 410 6.58 -2.34 -50.28
CA VAL B 410 7.52 -3.44 -50.14
C VAL B 410 8.13 -3.87 -51.48
N GLY B 411 7.37 -3.75 -52.57
CA GLY B 411 7.87 -4.14 -53.86
C GLY B 411 7.90 -5.63 -54.12
N GLU B 412 8.97 -6.09 -54.78
CA GLU B 412 8.98 -7.43 -55.34
C GLU B 412 8.72 -8.50 -54.29
N ASN B 413 9.25 -8.31 -53.09
N ASN B 413 9.28 -8.36 -53.09
CA ASN B 413 9.21 -9.29 -52.02
CA ASN B 413 9.15 -9.42 -52.09
C ASN B 413 7.94 -9.22 -51.18
C ASN B 413 7.93 -9.24 -51.20
N VAL B 414 6.93 -8.48 -51.64
CA VAL B 414 5.70 -8.35 -50.87
C VAL B 414 5.11 -9.72 -50.55
N PHE B 415 5.31 -10.69 -51.44
CA PHE B 415 4.73 -12.02 -51.24
C PHE B 415 5.41 -12.81 -50.13
N GLU B 416 6.67 -12.48 -49.82
N GLU B 416 6.66 -12.50 -49.80
CA GLU B 416 7.44 -13.17 -48.79
CA GLU B 416 7.33 -13.22 -48.72
C GLU B 416 7.52 -12.38 -47.49
C GLU B 416 7.63 -12.31 -47.54
N SER B 417 6.94 -11.18 -47.44
CA SER B 417 7.00 -10.37 -46.24
C SER B 417 6.25 -11.05 -45.11
N PRO B 418 6.73 -10.91 -43.88
CA PRO B 418 5.98 -11.47 -42.73
C PRO B 418 4.59 -10.89 -42.58
N LEU B 419 4.35 -9.66 -43.08
CA LEU B 419 3.03 -9.05 -42.99
C LEU B 419 2.05 -9.57 -44.03
N TRP B 420 2.54 -10.26 -45.07
CA TRP B 420 1.63 -10.87 -46.03
C TRP B 420 0.71 -11.87 -45.35
N SER B 421 1.24 -12.58 -44.34
CA SER B 421 0.40 -13.50 -43.59
C SER B 421 -0.73 -12.77 -42.88
N PHE B 422 -0.44 -11.59 -42.30
CA PHE B 422 -1.49 -10.80 -41.68
C PHE B 422 -2.53 -10.38 -42.71
N TYR B 423 -2.08 -9.97 -43.90
CA TYR B 423 -3.01 -9.57 -44.95
C TYR B 423 -3.94 -10.72 -45.31
N THR B 424 -3.39 -11.92 -45.51
CA THR B 424 -4.21 -13.06 -45.90
C THR B 424 -5.13 -13.51 -44.76
N LYS B 425 -4.64 -13.41 -43.52
N LYS B 425 -4.65 -13.42 -43.51
CA LYS B 425 -5.48 -13.74 -42.36
CA LYS B 425 -5.49 -13.74 -42.37
C LYS B 425 -6.71 -12.83 -42.32
C LYS B 425 -6.71 -12.83 -42.32
N PHE B 426 -6.48 -11.52 -42.49
CA PHE B 426 -7.60 -10.59 -42.52
C PHE B 426 -8.50 -10.86 -43.71
N LEU B 427 -7.93 -11.23 -44.86
CA LEU B 427 -8.76 -11.53 -46.02
C LEU B 427 -9.71 -12.68 -45.72
N GLU B 428 -9.19 -13.75 -45.08
CA GLU B 428 -10.03 -14.89 -44.74
C GLU B 428 -11.13 -14.47 -43.76
N LYS B 429 -10.74 -13.77 -42.71
CA LYS B 429 -11.71 -13.26 -41.76
C LYS B 429 -12.80 -12.40 -42.42
N TYR B 430 -12.40 -11.42 -43.23
CA TYR B 430 -13.37 -10.54 -43.86
C TYR B 430 -14.31 -11.29 -44.80
N ASN B 431 -13.77 -12.19 -45.62
CA ASN B 431 -14.61 -12.95 -46.53
C ASN B 431 -15.59 -13.83 -45.77
N THR B 432 -15.15 -14.45 -44.68
CA THR B 432 -16.07 -15.25 -43.88
C THR B 432 -17.18 -14.39 -43.27
N ALA B 433 -16.83 -13.16 -42.87
CA ALA B 433 -17.82 -12.28 -42.24
C ALA B 433 -18.70 -11.54 -43.23
N ASN B 434 -18.41 -11.62 -44.52
CA ASN B 434 -19.19 -10.93 -45.56
C ASN B 434 -19.51 -11.92 -46.67
N PRO B 435 -20.48 -12.81 -46.45
CA PRO B 435 -20.72 -13.88 -47.44
C PRO B 435 -21.15 -13.38 -48.81
N GLY B 436 -21.68 -12.16 -48.92
CA GLY B 436 -22.09 -11.63 -50.20
C GLY B 436 -21.15 -10.64 -50.83
N LYS B 437 -20.06 -10.27 -50.16
CA LYS B 437 -19.15 -9.22 -50.61
C LYS B 437 -17.70 -9.70 -50.58
N GLU B 438 -17.46 -10.97 -50.90
CA GLU B 438 -16.11 -11.51 -50.78
C GLU B 438 -15.16 -10.72 -51.66
N GLN B 439 -13.95 -10.48 -51.13
CA GLN B 439 -12.88 -9.83 -51.86
C GLN B 439 -11.83 -10.86 -52.25
N THR B 440 -11.05 -10.53 -53.28
CA THR B 440 -9.98 -11.39 -53.73
C THR B 440 -8.63 -10.91 -53.21
N MET B 441 -7.69 -11.86 -53.15
CA MET B 441 -6.35 -11.57 -52.68
C MET B 441 -5.64 -10.54 -53.55
N ILE B 442 -6.06 -10.41 -54.82
CA ILE B 442 -5.44 -9.43 -55.72
C ILE B 442 -5.89 -8.00 -55.47
N SER B 443 -6.98 -7.80 -54.71
CA SER B 443 -7.51 -6.45 -54.55
C SER B 443 -6.50 -5.52 -53.88
N GLY B 444 -5.85 -5.99 -52.82
CA GLY B 444 -4.85 -5.17 -52.15
C GLY B 444 -3.67 -4.85 -53.06
N LEU B 445 -3.16 -5.86 -53.77
CA LEU B 445 -2.04 -5.63 -54.68
C LEU B 445 -2.41 -4.66 -55.79
N ALA B 446 -3.62 -4.79 -56.33
CA ALA B 446 -4.06 -3.89 -57.39
C ALA B 446 -4.18 -2.46 -56.86
N ARG B 447 -4.68 -2.30 -55.63
CA ARG B 447 -4.70 -0.97 -55.04
C ARG B 447 -3.28 -0.42 -54.86
N GLY B 448 -2.35 -1.27 -54.45
CA GLY B 448 -1.01 -0.81 -54.11
C GLY B 448 -0.07 -0.65 -55.28
N TYR B 449 -0.29 -1.39 -56.38
CA TYR B 449 0.63 -1.38 -57.52
C TYR B 449 -0.16 -1.26 -58.81
N ASN B 450 0.43 -0.57 -59.78
CA ASN B 450 -0.24 -0.36 -61.05
C ASN B 450 -0.08 -1.58 -61.95
N ASP B 451 -0.75 -1.53 -63.11
CA ASP B 451 -0.91 -2.73 -63.93
C ASP B 451 0.44 -3.30 -64.36
N VAL B 452 1.30 -2.46 -64.95
CA VAL B 452 2.58 -2.97 -65.44
C VAL B 452 3.45 -3.47 -64.30
N THR B 453 3.53 -2.70 -63.21
CA THR B 453 4.36 -3.10 -62.09
C THR B 453 3.85 -4.40 -61.47
N LEU B 454 2.54 -4.51 -61.26
CA LEU B 454 1.99 -5.72 -60.67
C LEU B 454 2.19 -6.92 -61.58
N THR B 455 1.98 -6.75 -62.89
CA THR B 455 2.18 -7.85 -63.82
C THR B 455 3.63 -8.31 -63.80
N ASN B 456 4.58 -7.38 -63.81
CA ASN B 456 5.99 -7.76 -63.74
C ASN B 456 6.31 -8.46 -62.43
N MET B 457 5.74 -7.99 -61.32
CA MET B 457 5.97 -8.64 -60.04
C MET B 457 5.48 -10.08 -60.06
N LEU B 458 4.27 -10.30 -60.57
CA LEU B 458 3.72 -11.64 -60.64
C LEU B 458 4.56 -12.53 -61.55
N LEU B 459 4.98 -12.00 -62.70
CA LEU B 459 5.79 -12.80 -63.62
C LEU B 459 7.11 -13.19 -62.97
N LYS B 460 7.75 -12.25 -62.26
CA LYS B 460 9.01 -12.57 -61.58
C LYS B 460 8.80 -13.60 -60.49
N ALA B 461 7.73 -13.45 -59.69
CA ALA B 461 7.48 -14.39 -58.61
C ALA B 461 7.14 -15.79 -59.14
N LYS B 462 6.58 -15.86 -60.36
CA LYS B 462 6.25 -17.17 -60.92
C LYS B 462 7.49 -18.02 -61.16
N GLU B 463 8.65 -17.38 -61.35
CA GLU B 463 9.88 -18.12 -61.60
C GLU B 463 10.50 -18.68 -60.32
N ALA B 464 10.08 -18.20 -59.15
CA ALA B 464 10.59 -18.71 -57.89
C ALA B 464 9.71 -19.84 -57.40
N PRO B 465 10.26 -21.03 -57.12
CA PRO B 465 9.40 -22.16 -56.72
C PRO B 465 8.58 -21.89 -55.47
N SER B 466 9.09 -21.11 -54.52
CA SER B 466 8.34 -20.86 -53.30
C SER B 466 7.14 -19.96 -53.52
N THR B 467 7.12 -19.18 -54.60
CA THR B 467 6.00 -18.29 -54.89
C THR B 467 5.30 -18.62 -56.21
N LYS B 468 5.68 -19.70 -56.90
CA LYS B 468 5.10 -19.97 -58.21
C LYS B 468 3.59 -20.20 -58.12
N THR B 469 3.15 -21.03 -57.18
CA THR B 469 1.73 -21.33 -57.06
C THR B 469 0.92 -20.06 -56.80
N LEU B 470 1.35 -19.28 -55.80
CA LEU B 470 0.64 -18.06 -55.44
C LEU B 470 0.63 -17.08 -56.60
N ALA B 471 1.77 -16.94 -57.29
CA ALA B 471 1.85 -16.00 -58.41
C ALA B 471 0.94 -16.41 -59.55
N THR B 472 0.86 -17.71 -59.85
CA THR B 472 -0.03 -18.18 -60.90
C THR B 472 -1.49 -17.87 -60.55
N LYS B 473 -1.88 -18.20 -59.31
CA LYS B 473 -3.24 -17.89 -58.87
C LYS B 473 -3.50 -16.39 -58.96
N LEU B 474 -2.54 -15.57 -58.55
CA LEU B 474 -2.75 -14.13 -58.53
C LEU B 474 -2.80 -13.56 -59.94
N GLU B 475 -2.07 -14.14 -60.89
CA GLU B 475 -2.18 -13.69 -62.27
C GLU B 475 -3.58 -13.95 -62.80
N ASP B 476 -4.12 -15.14 -62.54
CA ASP B 476 -5.51 -15.39 -62.94
C ASP B 476 -6.46 -14.41 -62.25
N GLU B 477 -6.24 -14.16 -60.96
CA GLU B 477 -7.07 -13.21 -60.23
C GLU B 477 -6.99 -11.81 -60.84
N LEU B 478 -5.80 -11.40 -61.26
CA LEU B 478 -5.62 -10.08 -61.87
C LEU B 478 -6.36 -10.01 -63.19
N VAL B 479 -6.35 -11.08 -63.98
CA VAL B 479 -7.13 -11.09 -65.21
C VAL B 479 -8.62 -10.88 -64.89
N GLN B 480 -9.12 -11.62 -63.89
CA GLN B 480 -10.52 -11.44 -63.50
C GLN B 480 -10.77 -10.02 -62.99
N TYR B 481 -9.81 -9.45 -62.26
CA TYR B 481 -9.94 -8.10 -61.73
C TYR B 481 -10.05 -7.07 -62.84
N TRP B 482 -9.21 -7.21 -63.87
CA TRP B 482 -9.32 -6.33 -65.03
C TRP B 482 -10.67 -6.52 -65.73
N LEU B 483 -11.12 -7.78 -65.85
CA LEU B 483 -12.39 -8.03 -66.50
C LEU B 483 -13.55 -7.36 -65.75
N ALA B 484 -13.57 -7.48 -64.42
CA ALA B 484 -14.62 -6.87 -63.64
C ALA B 484 -14.59 -5.34 -63.73
N ASP B 485 -13.46 -4.76 -64.10
CA ASP B 485 -13.30 -3.33 -64.14
C ASP B 485 -13.49 -2.78 -65.54
N LYS B 486 -14.00 -3.60 -66.47
CA LYS B 486 -14.42 -3.10 -67.77
C LYS B 486 -13.27 -2.65 -68.66
N LYS B 487 -12.08 -3.18 -68.42
CA LYS B 487 -10.89 -2.72 -69.13
C LYS B 487 -10.98 -3.08 -70.61
N LEU B 488 -10.83 -2.08 -71.46
CA LEU B 488 -10.75 -2.32 -72.89
C LEU B 488 -9.38 -2.94 -73.21
N PRO B 489 -9.32 -4.04 -73.96
CA PRO B 489 -8.03 -4.68 -74.19
C PRO B 489 -6.99 -3.73 -74.78
N ASP B 490 -7.42 -2.79 -75.64
CA ASP B 490 -6.46 -1.90 -76.28
C ASP B 490 -5.97 -0.84 -75.31
N LYS B 491 -6.81 -0.41 -74.37
CA LYS B 491 -6.31 0.38 -73.26
C LYS B 491 -5.32 -0.41 -72.40
N LEU B 492 -5.64 -1.65 -72.05
CA LEU B 492 -4.73 -2.44 -71.23
C LEU B 492 -3.37 -2.60 -71.91
N PHE B 493 -3.36 -2.80 -73.23
CA PHE B 493 -2.10 -2.89 -73.97
C PHE B 493 -1.21 -1.69 -73.66
N GLY B 494 -1.79 -0.48 -73.69
CA GLY B 494 -1.04 0.70 -73.34
C GLY B 494 -0.63 0.73 -71.88
N TYR B 495 -1.54 0.34 -70.98
CA TYR B 495 -1.22 0.35 -69.55
C TYR B 495 -0.05 -0.56 -69.23
N LEU B 496 0.04 -1.71 -69.92
CA LEU B 496 1.14 -2.63 -69.71
C LEU B 496 2.43 -2.20 -70.38
N GLU B 497 2.46 -0.98 -70.94
CA GLU B 497 3.66 -0.42 -71.56
C GLU B 497 4.14 -1.27 -72.72
N LEU B 498 3.22 -1.94 -73.40
CA LEU B 498 3.58 -2.80 -74.53
C LEU B 498 3.83 -2.03 -75.82
N LYS B 499 3.55 -0.72 -75.83
CA LYS B 499 3.91 0.11 -76.96
C LYS B 499 5.41 0.36 -77.06
N GLU B 500 6.18 -0.08 -76.07
CA GLU B 500 7.61 0.25 -76.03
C GLU B 500 8.35 -0.30 -77.24
N SER B 501 8.06 -1.54 -77.63
CA SER B 501 8.81 -2.15 -78.73
C SER B 501 7.98 -3.26 -79.37
N VAL B 502 7.83 -3.20 -80.69
CA VAL B 502 7.24 -4.30 -81.43
C VAL B 502 8.23 -5.45 -81.60
N ASP B 503 9.53 -5.18 -81.50
CA ASP B 503 10.52 -6.22 -81.67
C ASP B 503 10.47 -7.21 -80.51
N GLY B 504 10.33 -8.49 -80.84
CA GLY B 504 10.28 -9.52 -79.81
C GLY B 504 9.00 -9.56 -79.02
N ILE B 505 7.99 -8.78 -79.39
CA ILE B 505 6.75 -8.77 -78.62
C ILE B 505 6.10 -10.16 -78.63
N LEU B 506 6.32 -10.93 -79.70
CA LEU B 506 5.78 -12.29 -79.75
C LEU B 506 6.50 -13.24 -78.79
N THR B 507 7.50 -12.76 -78.06
CA THR B 507 8.11 -13.54 -76.98
C THR B 507 8.04 -12.80 -75.65
N ASN B 508 7.29 -11.70 -75.59
CA ASN B 508 7.20 -10.88 -74.38
C ASN B 508 6.22 -11.52 -73.39
N PRO B 509 6.67 -11.90 -72.19
CA PRO B 509 5.72 -12.48 -71.22
C PRO B 509 4.57 -11.56 -70.87
N VAL B 510 4.82 -10.25 -70.81
CA VAL B 510 3.75 -9.28 -70.57
C VAL B 510 2.75 -9.33 -71.71
N PHE B 511 3.23 -9.51 -72.94
CA PHE B 511 2.32 -9.68 -74.07
C PHE B 511 1.47 -10.93 -73.89
N ASN B 512 2.06 -12.00 -73.36
CA ASN B 512 1.28 -13.20 -73.11
C ASN B 512 0.20 -12.96 -72.08
N VAL B 513 0.50 -12.21 -71.01
CA VAL B 513 -0.53 -11.86 -70.04
C VAL B 513 -1.65 -11.06 -70.71
N TRP B 514 -1.27 -10.09 -71.53
CA TRP B 514 -2.27 -9.30 -72.24
C TRP B 514 -3.14 -10.17 -73.13
N LEU B 515 -2.53 -11.17 -73.77
CA LEU B 515 -3.29 -12.10 -74.60
C LEU B 515 -4.27 -12.91 -73.76
N LYS B 516 -3.84 -13.33 -72.58
CA LYS B 516 -4.77 -14.01 -71.67
C LYS B 516 -5.98 -13.13 -71.39
N TYR B 517 -5.74 -11.85 -71.09
CA TYR B 517 -6.87 -10.96 -70.85
C TYR B 517 -7.72 -10.78 -72.10
N LEU B 518 -7.08 -10.68 -73.27
CA LEU B 518 -7.84 -10.49 -74.50
C LEU B 518 -8.75 -11.68 -74.77
N ASN B 519 -8.24 -12.90 -74.57
CA ASN B 519 -9.06 -14.09 -74.74
C ASN B 519 -10.21 -14.12 -73.73
N ALA B 520 -9.92 -13.76 -72.47
CA ALA B 520 -10.99 -13.73 -71.47
C ALA B 520 -12.05 -12.70 -71.83
N PHE B 521 -11.61 -11.53 -72.32
CA PHE B 521 -12.54 -10.48 -72.70
C PHE B 521 -13.43 -10.91 -73.88
N ASN B 522 -12.84 -11.59 -74.85
CA ASN B 522 -13.61 -12.07 -76.00
C ASN B 522 -14.49 -13.26 -75.64
N ASP B 523 -14.13 -14.03 -74.61
CA ASP B 523 -14.89 -15.21 -74.24
C ASP B 523 -16.24 -14.87 -73.62
N LYS B 524 -16.40 -13.67 -73.06
CA LYS B 524 -17.64 -13.26 -72.43
C LYS B 524 -18.51 -12.44 -73.37
N ALA B 525 -18.46 -12.73 -74.67
CA ALA B 525 -19.40 -12.22 -75.66
C ALA B 525 -19.41 -10.70 -75.73
N PRO B 526 -18.34 -10.08 -76.22
CA PRO B 526 -18.43 -8.67 -76.59
C PRO B 526 -19.15 -8.51 -77.92
N VAL B 527 -19.72 -7.32 -78.11
CA VAL B 527 -20.38 -7.03 -79.38
C VAL B 527 -19.38 -7.11 -80.53
N LYS B 528 -18.16 -6.66 -80.29
CA LYS B 528 -17.08 -6.67 -81.27
C LYS B 528 -15.93 -7.51 -80.73
N LYS B 529 -15.70 -8.67 -81.33
CA LYS B 529 -14.59 -9.52 -80.92
C LYS B 529 -13.27 -8.77 -81.14
N ALA B 530 -12.47 -8.67 -80.08
CA ALA B 530 -11.24 -7.87 -80.13
C ALA B 530 -10.14 -8.62 -80.85
N LEU B 531 -9.42 -7.92 -81.73
CA LEU B 531 -8.41 -8.50 -82.59
C LEU B 531 -7.01 -8.09 -82.13
N MET B 532 -6.10 -9.06 -82.08
CA MET B 532 -4.71 -8.77 -81.76
C MET B 532 -4.06 -7.89 -82.81
N ILE B 533 -4.29 -8.21 -84.09
CA ILE B 533 -3.63 -7.48 -85.17
C ILE B 533 -4.06 -6.02 -85.18
N ASP B 534 -5.31 -5.74 -84.83
CA ASP B 534 -5.76 -4.35 -84.75
C ASP B 534 -4.95 -3.57 -83.72
N THR B 535 -4.75 -4.15 -82.54
CA THR B 535 -3.97 -3.49 -81.50
C THR B 535 -2.53 -3.28 -81.97
N LEU B 536 -1.94 -4.31 -82.57
CA LEU B 536 -0.56 -4.19 -83.02
C LEU B 536 -0.41 -3.09 -84.07
N LYS B 537 -1.34 -3.04 -85.03
CA LYS B 537 -1.26 -2.02 -86.08
C LYS B 537 -1.45 -0.62 -85.50
N SER B 538 -2.44 -0.45 -84.62
CA SER B 538 -2.65 0.86 -84.00
C SER B 538 -1.43 1.29 -83.20
N ALA B 539 -0.74 0.35 -82.56
CA ALA B 539 0.40 0.70 -81.73
C ALA B 539 1.64 1.02 -82.55
N PHE B 540 1.94 0.23 -83.59
CA PHE B 540 3.22 0.32 -84.26
C PHE B 540 3.15 0.69 -85.74
N GLY B 541 1.99 0.59 -86.37
CA GLY B 541 1.87 0.92 -87.78
C GLY B 541 2.11 -0.27 -88.69
N ASP B 542 1.65 -0.12 -89.94
CA ASP B 542 1.66 -1.23 -90.88
C ASP B 542 3.09 -1.73 -91.13
N VAL B 543 4.01 -0.81 -91.42
CA VAL B 543 5.36 -1.22 -91.80
C VAL B 543 6.06 -1.93 -90.64
N ALA B 544 5.97 -1.37 -89.44
CA ALA B 544 6.64 -1.99 -88.31
C ALA B 544 6.10 -3.39 -88.02
N VAL B 545 4.77 -3.54 -88.05
CA VAL B 545 4.17 -4.85 -87.79
C VAL B 545 4.58 -5.85 -88.86
N SER B 546 4.53 -5.44 -90.13
CA SER B 546 4.87 -6.35 -91.21
C SER B 546 6.35 -6.76 -91.14
N ASN B 547 7.22 -5.80 -90.84
CA ASN B 547 8.64 -6.13 -90.70
C ASN B 547 8.87 -7.10 -89.55
N MET B 548 8.19 -6.88 -88.42
CA MET B 548 8.33 -7.79 -87.29
C MET B 548 7.83 -9.19 -87.66
N LEU B 549 6.72 -9.26 -88.39
CA LEU B 549 6.18 -10.56 -88.79
C LEU B 549 7.15 -11.29 -89.72
N PHE B 550 7.73 -10.56 -90.67
CA PHE B 550 8.74 -11.16 -91.53
C PHE B 550 9.90 -11.69 -90.71
N ALA B 551 10.38 -10.91 -89.74
CA ALA B 551 11.50 -11.35 -88.92
C ALA B 551 11.13 -12.57 -88.09
N ALA B 552 9.95 -12.56 -87.48
CA ALA B 552 9.54 -13.64 -86.58
C ALA B 552 9.23 -14.92 -87.35
N LYS B 553 8.87 -14.83 -88.62
CA LYS B 553 8.61 -16.04 -89.39
C LYS B 553 9.86 -16.88 -89.57
N LYS B 554 11.05 -16.29 -89.43
CA LYS B 554 12.30 -17.02 -89.57
C LYS B 554 12.72 -17.73 -88.30
N ASP B 555 11.98 -17.58 -87.21
CA ASP B 555 12.33 -18.21 -85.94
C ASP B 555 11.37 -19.36 -85.68
N PRO B 556 11.87 -20.59 -85.48
CA PRO B 556 10.96 -21.73 -85.33
C PRO B 556 9.96 -21.57 -84.19
N GLY B 557 10.35 -20.92 -83.09
CA GLY B 557 9.45 -20.78 -81.96
C GLY B 557 8.27 -19.88 -82.23
N THR B 558 8.38 -18.94 -83.18
CA THR B 558 7.32 -18.00 -83.49
C THR B 558 6.86 -18.09 -84.93
N ALA B 559 7.36 -19.05 -85.71
CA ALA B 559 7.05 -19.10 -87.13
C ALA B 559 5.56 -19.27 -87.36
N LYS B 560 4.92 -20.18 -86.62
CA LYS B 560 3.50 -20.46 -86.84
C LYS B 560 2.64 -19.24 -86.48
N VAL B 561 2.88 -18.64 -85.31
CA VAL B 561 2.13 -17.46 -84.90
C VAL B 561 2.39 -16.30 -85.84
N ALA B 562 3.65 -16.14 -86.26
CA ALA B 562 3.98 -15.05 -87.18
C ALA B 562 3.25 -15.22 -88.51
N ALA B 563 3.20 -16.44 -89.04
CA ALA B 563 2.49 -16.68 -90.29
C ALA B 563 0.99 -16.44 -90.13
N THR B 564 0.41 -16.90 -89.03
CA THR B 564 -1.01 -16.66 -88.78
C THR B 564 -1.30 -15.16 -88.73
N LEU B 565 -0.45 -14.41 -88.02
CA LEU B 565 -0.63 -12.97 -87.93
C LEU B 565 -0.45 -12.30 -89.28
N GLN B 566 0.50 -12.77 -90.09
CA GLN B 566 0.69 -12.18 -91.41
C GLN B 566 -0.53 -12.38 -92.29
N THR B 567 -1.13 -13.57 -92.25
CA THR B 567 -2.36 -13.79 -93.01
C THR B 567 -3.48 -12.89 -92.50
N ALA B 568 -3.58 -12.74 -91.18
CA ALA B 568 -4.58 -11.85 -90.62
C ALA B 568 -4.35 -10.41 -91.07
N LEU B 569 -3.08 -10.00 -91.15
CA LEU B 569 -2.76 -8.64 -91.59
C LEU B 569 -3.15 -8.43 -93.05
N LEU B 570 -2.89 -9.43 -93.90
CA LEU B 570 -3.32 -9.33 -95.29
C LEU B 570 -4.84 -9.19 -95.38
N SER B 571 -5.57 -9.99 -94.58
CA SER B 571 -7.03 -9.86 -94.56
C SER B 571 -7.45 -8.47 -94.11
N LYS B 572 -6.78 -7.94 -93.07
CA LYS B 572 -7.10 -6.59 -92.58
C LYS B 572 -6.89 -5.56 -93.67
N TRP B 573 -5.79 -5.67 -94.42
CA TRP B 573 -5.55 -4.74 -95.52
C TRP B 573 -6.64 -4.87 -96.58
N VAL B 574 -7.09 -6.10 -96.86
CA VAL B 574 -8.13 -6.29 -97.87
C VAL B 574 -9.41 -5.58 -97.45
N LEU B 575 -9.85 -5.78 -96.20
CA LEU B 575 -11.10 -5.15 -95.76
C LEU B 575 -11.05 -3.63 -95.80
N GLU B 576 -9.87 -3.03 -95.62
CA GLU B 576 -9.76 -1.58 -95.68
C GLU B 576 -9.38 -1.08 -97.07
N LYS B 577 -9.48 -1.92 -98.09
CA LYS B 577 -9.32 -1.52 -99.49
C LYS B 577 -7.96 -0.84 -99.70
N LYS B 578 -6.90 -1.57 -99.41
CA LYS B 578 -5.55 -1.11 -99.67
C LYS B 578 -5.12 -1.57 -101.06
N THR B 579 -4.61 -0.63 -101.85
CA THR B 579 -4.19 -0.95 -103.20
C THR B 579 -2.97 -1.87 -103.18
N PRO B 580 -2.82 -2.73 -104.18
CA PRO B 580 -1.63 -3.59 -104.23
C PRO B 580 -0.33 -2.82 -104.27
N GLY B 581 -0.33 -1.59 -104.79
CA GLY B 581 0.88 -0.80 -104.76
C GLY B 581 1.31 -0.47 -103.34
N GLN B 582 0.36 -0.03 -102.51
CA GLN B 582 0.67 0.26 -101.11
C GLN B 582 1.12 -1.00 -100.38
N VAL B 583 0.45 -2.13 -100.64
CA VAL B 583 0.82 -3.38 -99.99
C VAL B 583 2.23 -3.78 -100.39
N SER B 584 2.59 -3.63 -101.67
CA SER B 584 3.94 -3.95 -102.11
C SER B 584 4.97 -3.03 -101.45
N ALA B 585 4.65 -1.75 -101.37
CA ALA B 585 5.55 -0.81 -100.70
C ALA B 585 5.80 -1.21 -99.26
N ILE B 586 4.73 -1.59 -98.55
CA ILE B 586 4.89 -2.04 -97.17
C ILE B 586 5.71 -3.34 -97.13
N LEU B 587 5.35 -4.30 -97.97
CA LEU B 587 5.94 -5.64 -97.89
C LEU B 587 7.45 -5.58 -98.12
N LYS B 588 7.91 -4.74 -99.03
CA LYS B 588 9.33 -4.77 -99.33
C LYS B 588 10.16 -3.82 -98.49
N GLU B 589 9.63 -3.37 -97.36
CA GLU B 589 10.49 -2.92 -96.28
C GLU B 589 11.05 -4.09 -95.47
N GLY B 590 10.56 -5.30 -95.67
CA GLY B 590 10.99 -6.43 -94.87
C GLY B 590 11.18 -7.75 -95.61
N ALA B 591 11.20 -7.71 -96.94
CA ALA B 591 11.39 -8.93 -97.72
C ALA B 591 11.97 -8.59 -99.08
N GLY B 592 12.51 -9.62 -99.74
CA GLY B 592 13.12 -9.45 -101.05
C GLY B 592 12.08 -9.33 -102.15
N ALA B 593 12.60 -9.21 -103.38
CA ALA B 593 11.73 -9.00 -104.52
C ALA B 593 10.80 -10.19 -104.74
N ASP B 594 11.33 -11.41 -104.66
CA ASP B 594 10.53 -12.59 -104.99
C ASP B 594 9.53 -12.92 -103.89
N VAL B 595 9.96 -12.89 -102.63
CA VAL B 595 9.05 -13.15 -101.52
C VAL B 595 7.96 -12.08 -101.49
N SER B 596 8.35 -10.82 -101.67
CA SER B 596 7.36 -9.76 -101.76
C SER B 596 6.41 -9.98 -102.93
N ALA B 597 6.92 -10.51 -104.05
CA ALA B 597 6.06 -10.76 -105.20
C ALA B 597 4.99 -11.79 -104.88
N LYS B 598 5.37 -12.87 -104.21
CA LYS B 598 4.40 -13.92 -103.90
C LYS B 598 3.41 -13.47 -102.83
N LEU B 599 3.88 -12.76 -101.81
CA LEU B 599 2.91 -12.17 -100.89
C LEU B 599 1.97 -11.22 -101.61
N LEU B 600 2.49 -10.44 -102.56
CA LEU B 600 1.64 -9.53 -103.30
C LEU B 600 0.60 -10.30 -104.09
N ALA B 601 1.00 -11.40 -104.72
CA ALA B 601 0.06 -12.17 -105.53
C ALA B 601 -1.01 -12.82 -104.67
N THR B 602 -0.63 -13.35 -103.50
CA THR B 602 -1.63 -13.89 -102.58
C THR B 602 -2.59 -12.80 -102.13
N TYR B 603 -2.06 -11.62 -101.81
CA TYR B 603 -2.91 -10.51 -101.41
C TYR B 603 -3.87 -10.12 -102.52
N SER B 604 -3.39 -10.08 -103.76
CA SER B 604 -4.25 -9.75 -104.89
C SER B 604 -5.30 -10.81 -105.12
N ALA B 605 -4.95 -12.08 -104.95
CA ALA B 605 -5.92 -13.16 -105.09
C ALA B 605 -7.07 -13.00 -104.11
N LYS B 606 -6.74 -12.80 -102.82
CA LYS B 606 -7.84 -12.66 -101.86
C LYS B 606 -8.51 -11.28 -101.93
N PHE B 607 -7.82 -10.27 -102.46
CA PHE B 607 -8.48 -9.01 -102.77
C PHE B 607 -9.55 -9.19 -103.83
N LYS B 608 -9.22 -9.91 -104.90
CA LYS B 608 -10.20 -10.22 -105.93
C LYS B 608 -11.33 -11.05 -105.36
N VAL B 609 -11.00 -12.02 -104.49
CA VAL B 609 -12.05 -12.81 -103.85
C VAL B 609 -13.01 -11.90 -103.09
N ARG B 610 -12.48 -10.90 -102.39
CA ARG B 610 -13.35 -10.01 -101.63
C ARG B 610 -14.03 -8.98 -102.53
N TRP B 611 -13.25 -8.25 -103.33
CA TRP B 611 -13.79 -7.21 -104.21
C TRP B 611 -13.65 -7.55 -105.68
N GLY B 612 -12.42 -7.81 -106.14
CA GLY B 612 -12.18 -8.09 -107.54
C GLY B 612 -11.11 -7.20 -108.15
#